data_1RUE
#
_entry.id   1RUE
#
_cell.length_a   445.100
_cell.length_b   445.100
_cell.length_c   445.100
_cell.angle_alpha   90.00
_cell.angle_beta   90.00
_cell.angle_gamma   90.00
#
_symmetry.space_group_name_H-M   'P 21 3'
#
loop_
_entity.id
_entity.type
_entity.pdbx_description
1 polymer 'RHINOVIRUS 14'
2 polymer 'RHINOVIRUS 14'
3 polymer 'RHINOVIRUS 14'
4 polymer 'RHINOVIRUS 14'
5 non-polymer '5-(5-(4-(4,5-DIHYDRO-2-OXAZOLY)PHENOXY)PENTYL)-3-METHYL ISOXAZOLE'
#
loop_
_entity_poly.entity_id
_entity_poly.type
_entity_poly.pdbx_seq_one_letter_code
_entity_poly.pdbx_strand_id
1 'polypeptide(L)'
;GLGDELEEVIVEKTKQTVASISSGPKHTQKVPILTANETGATMPVLPSDSIETRTTYMHFNGSETDVECFLGRAACVHVT
EIQNKDATGIDNHREAKLFNDWKINLSSLVQLRKKLELFTYVRFDSEYTILATASQPDSANYSSNLVVQAMYVPPGAPNP
KEWDDYTWQSASNPSVFFKVGDTSRFSVPYVGLASAYNCFYDGYSHDDAETQYGITVLAHMGSMAFRIVNEHDEHKTLVK
IRVYHRAKHVEAWIPRAPRALPYTSIGRTNYPKNTEPVIKKRKGDIKSY
;
1
2 'polypeptide(L)'
;SPNVEACGYSDRVQQITLGNSTITTQEAANAVVCYAEWPEYLPDVDASDVNKTSKPDTSVCRFYTLDSKTWTTGSKGWCW
KLPDALKDMGVFGQNMFFHSLGRSGYTVHVQCNATKFHSGCLLVVVIPEHQLASHEGGNVSVKYTFTHPGERGIDLSSAN
EVGGPVKDVLYNMNGTLLGNLLIFPHQFINLRTNNTATIVIPYINSVPIDSMTRHNNVSLMVIPIAPLTVPTGATPSLPI
TVTIAPMCTEFSGIRSKSIVPQ
;
2
3 'polypeptide(L)'
;GLPTTTLPGSGQFLTTDDRQSPSALPNYEPTPRIHIPGKVHNLLEIIQVDTLIPMNNTHTKDEVNSYLIPLNANRQNEQV
FGTNLFIGDGVFKTTLLGEIVQYYTHWSGSLRFSLMYTGPALSSAKLILAYTPPGARGPQDRREAMLGTHVVWDIGLQST
IVMTIPWTSGVQFRYTDPDTYTSAGFLSCWYQTSLILPPETTGQVYLLSFISACPDFKLRLMKDTQTISQTVALTE
;
3
4 'polypeptide(L)' GAQVSTQKSGSHENQNILTNGSNQTFTVINYYKDAASTSSAGQSLSMDPSKFTEPVKDLMLKGAPALN 4
#
loop_
_chem_comp.id
_chem_comp.type
_chem_comp.name
_chem_comp.formula
W35 non-polymer '5-(5-(4-(4,5-DIHYDRO-2-OXAZOLY)PHENOXY)PENTYL)-3-METHYL ISOXAZOLE' 'C18 H22 N2 O3'
#
# COMPACT_ATOMS: atom_id res chain seq x y z
N THR A 17 -8.95 15.20 -25.77
CA THR A 17 -8.51 15.68 -24.46
C THR A 17 -7.29 16.60 -24.27
N VAL A 18 -7.45 17.74 -23.55
CA VAL A 18 -6.20 18.54 -23.55
C VAL A 18 -5.34 18.11 -22.39
N ALA A 19 -4.05 17.99 -22.66
CA ALA A 19 -3.05 17.68 -21.64
C ALA A 19 -2.58 18.98 -20.97
N SER A 20 -2.63 20.03 -21.73
CA SER A 20 -2.23 21.34 -21.14
C SER A 20 -3.04 22.36 -21.91
N ILE A 21 -3.53 23.39 -21.24
CA ILE A 21 -4.20 24.45 -21.95
C ILE A 21 -3.18 25.60 -22.15
N SER A 22 -3.62 26.56 -22.91
CA SER A 22 -2.69 27.70 -23.17
C SER A 22 -2.75 28.62 -22.01
N SER A 23 -1.79 29.12 -21.40
CA SER A 23 -2.06 30.08 -20.24
C SER A 23 -1.04 31.13 -20.29
N GLY A 24 -1.26 32.35 -19.90
CA GLY A 24 -0.22 33.46 -20.10
C GLY A 24 0.17 34.03 -18.80
N PRO A 25 0.70 35.25 -18.77
CA PRO A 25 1.23 35.89 -17.54
C PRO A 25 0.10 35.95 -16.52
N LYS A 26 0.28 36.01 -15.29
CA LYS A 26 -0.63 36.05 -14.13
C LYS A 26 -0.17 37.13 -13.13
N HIS A 27 -0.94 37.92 -12.51
CA HIS A 27 -0.45 38.86 -11.43
C HIS A 27 -1.68 38.88 -10.51
N THR A 28 -2.01 37.90 -9.78
CA THR A 28 -3.13 37.76 -9.00
C THR A 28 -2.95 37.69 -7.47
N GLN A 29 -4.11 37.64 -6.89
CA GLN A 29 -4.39 37.62 -5.48
C GLN A 29 -4.87 36.16 -5.26
N LYS A 30 -4.87 35.43 -6.33
CA LYS A 30 -5.40 34.03 -6.30
C LYS A 30 -4.23 33.10 -6.57
N VAL A 31 -3.58 32.56 -5.57
CA VAL A 31 -2.35 31.77 -5.72
C VAL A 31 -2.58 30.31 -5.62
N PRO A 32 -2.76 29.55 -6.66
CA PRO A 32 -3.01 28.11 -6.58
C PRO A 32 -1.82 27.30 -6.11
N ILE A 33 -0.63 27.84 -6.06
CA ILE A 33 0.53 27.02 -5.70
C ILE A 33 0.81 27.09 -4.22
N LEU A 34 0.15 27.85 -3.39
CA LEU A 34 0.46 27.86 -1.93
C LEU A 34 -0.55 26.95 -1.28
N THR A 35 -0.19 25.91 -0.63
CA THR A 35 -1.25 25.10 0.03
C THR A 35 -0.89 24.74 1.41
N ALA A 36 -1.57 23.91 2.14
CA ALA A 36 -1.24 23.44 3.49
C ALA A 36 -1.25 21.92 3.50
N ASN A 37 -0.20 21.18 3.28
CA ASN A 37 -0.17 19.74 3.16
C ASN A 37 -0.58 19.07 4.43
N GLU A 38 -0.72 19.86 5.50
CA GLU A 38 -1.06 19.23 6.77
C GLU A 38 -2.46 18.66 6.72
N THR A 39 -3.24 19.07 5.73
CA THR A 39 -4.66 18.74 5.60
C THR A 39 -4.84 17.33 5.12
N GLY A 40 -3.84 16.78 4.44
CA GLY A 40 -3.93 15.41 3.96
C GLY A 40 -4.33 15.45 2.51
N ALA A 41 -4.53 16.57 1.90
CA ALA A 41 -4.95 16.52 0.46
C ALA A 41 -3.78 16.61 -0.46
N THR A 42 -3.81 16.15 -1.70
CA THR A 42 -2.80 16.54 -2.73
C THR A 42 -3.56 17.42 -3.71
N MET A 43 -3.42 18.68 -3.54
CA MET A 43 -4.07 19.67 -4.43
C MET A 43 -3.64 19.49 -5.86
N PRO A 44 -4.60 19.46 -6.76
CA PRO A 44 -4.37 19.20 -8.20
C PRO A 44 -3.72 20.29 -8.99
N VAL A 45 -2.50 20.62 -8.68
CA VAL A 45 -1.76 21.72 -9.37
C VAL A 45 -1.21 21.19 -10.68
N LEU A 46 -1.21 22.07 -11.68
CA LEU A 46 -0.76 21.82 -13.05
C LEU A 46 0.30 22.78 -13.54
N PRO A 47 1.04 22.37 -14.57
CA PRO A 47 2.07 23.27 -15.14
C PRO A 47 1.53 24.61 -15.40
N SER A 48 0.29 24.69 -15.86
CA SER A 48 -0.28 26.01 -16.23
C SER A 48 -0.63 26.77 -15.00
N ASP A 49 -0.18 26.53 -13.84
CA ASP A 49 -0.63 27.35 -12.66
C ASP A 49 0.58 28.20 -12.29
N SER A 50 1.70 27.75 -12.87
CA SER A 50 2.94 28.40 -12.49
C SER A 50 3.83 28.69 -13.65
N ILE A 51 3.69 28.32 -14.86
CA ILE A 51 4.46 28.82 -16.00
C ILE A 51 3.47 29.20 -17.10
N GLU A 52 3.87 29.79 -18.18
CA GLU A 52 2.95 30.09 -19.32
C GLU A 52 2.95 28.88 -20.22
N THR A 53 1.89 28.20 -20.53
CA THR A 53 1.83 26.99 -21.37
C THR A 53 1.12 27.27 -22.67
N ARG A 54 1.17 26.27 -23.53
CA ARG A 54 0.58 26.29 -24.90
C ARG A 54 -0.36 25.11 -24.94
N THR A 55 -1.33 25.03 -25.77
CA THR A 55 -2.17 23.81 -25.79
C THR A 55 -1.43 22.62 -26.35
N THR A 56 -1.71 21.49 -25.74
CA THR A 56 -1.22 20.17 -26.18
C THR A 56 -2.32 19.16 -25.80
N TYR A 57 -2.44 18.11 -26.60
CA TYR A 57 -3.42 17.02 -26.29
C TYR A 57 -2.77 15.81 -25.75
N MET A 58 -3.57 15.01 -25.08
CA MET A 58 -3.06 13.81 -24.37
C MET A 58 -2.75 12.73 -25.34
N HIS A 59 -3.58 12.46 -26.31
CA HIS A 59 -3.23 11.31 -27.19
C HIS A 59 -3.07 10.06 -26.34
N PHE A 60 -3.70 9.84 -25.25
CA PHE A 60 -3.42 8.60 -24.44
C PHE A 60 -4.55 8.28 -23.52
N ASN A 61 -4.92 7.11 -23.13
CA ASN A 61 -6.02 6.82 -22.29
C ASN A 61 -5.67 6.23 -20.99
N GLY A 62 -4.54 5.66 -20.82
CA GLY A 62 -4.22 5.04 -19.50
C GLY A 62 -4.81 3.65 -19.46
N SER A 63 -4.95 2.99 -20.56
CA SER A 63 -5.40 1.67 -20.75
C SER A 63 -4.63 0.55 -20.01
N GLU A 64 -3.30 0.71 -20.06
CA GLU A 64 -2.35 -0.39 -19.63
C GLU A 64 -1.94 -0.31 -18.20
N THR A 65 -2.64 0.55 -17.47
CA THR A 65 -2.41 0.79 -16.06
C THR A 65 -3.75 0.45 -15.36
N ASP A 66 -4.70 -0.02 -16.11
CA ASP A 66 -5.96 -0.48 -15.49
C ASP A 66 -5.64 -1.61 -14.56
N VAL A 67 -6.20 -1.80 -13.41
CA VAL A 67 -5.80 -2.94 -12.55
C VAL A 67 -6.11 -4.23 -13.28
N GLU A 68 -7.04 -4.25 -14.22
CA GLU A 68 -7.30 -5.60 -14.82
C GLU A 68 -6.07 -5.96 -15.62
N CYS A 69 -5.45 -5.01 -16.19
CA CYS A 69 -4.29 -5.24 -17.07
C CYS A 69 -3.07 -5.55 -16.22
N PHE A 70 -2.97 -4.81 -15.12
CA PHE A 70 -1.79 -4.92 -14.22
C PHE A 70 -1.73 -6.33 -13.64
N LEU A 71 -2.84 -6.93 -13.22
CA LEU A 71 -2.82 -8.23 -12.58
C LEU A 71 -3.22 -9.28 -13.60
N GLY A 72 -3.52 -8.88 -14.81
CA GLY A 72 -4.05 -9.86 -15.76
C GLY A 72 -3.11 -10.61 -16.60
N ARG A 73 -1.85 -10.78 -16.34
CA ARG A 73 -0.98 -11.64 -17.25
C ARG A 73 -0.58 -12.82 -16.41
N ALA A 74 -0.30 -13.94 -16.98
CA ALA A 74 0.14 -15.14 -16.21
C ALA A 74 1.44 -14.91 -15.48
N ALA A 75 1.60 -15.25 -14.25
CA ALA A 75 2.86 -15.18 -13.48
C ALA A 75 3.16 -16.58 -12.96
N CYS A 76 4.42 -16.95 -12.84
CA CYS A 76 4.73 -18.32 -12.30
C CYS A 76 4.44 -18.29 -10.81
N VAL A 77 3.65 -19.16 -10.32
CA VAL A 77 3.32 -19.07 -8.88
C VAL A 77 3.89 -20.27 -8.17
N HIS A 78 4.42 -21.27 -8.83
CA HIS A 78 4.83 -22.51 -8.09
C HIS A 78 5.60 -23.44 -8.98
N VAL A 79 6.69 -23.98 -8.46
CA VAL A 79 7.40 -25.02 -9.26
C VAL A 79 7.52 -26.24 -8.37
N THR A 80 7.06 -27.35 -8.68
CA THR A 80 7.18 -28.57 -7.85
C THR A 80 7.78 -29.64 -8.71
N GLU A 81 7.94 -30.82 -8.16
CA GLU A 81 8.46 -31.95 -8.97
C GLU A 81 8.05 -33.31 -8.36
N ILE A 82 7.78 -34.20 -9.26
CA ILE A 82 7.36 -35.58 -9.00
C ILE A 82 8.19 -36.50 -9.87
N GLN A 83 8.37 -37.77 -9.51
CA GLN A 83 9.06 -38.69 -10.44
C GLN A 83 8.29 -40.00 -10.72
N ASN A 84 8.61 -40.57 -11.85
CA ASN A 84 7.96 -41.85 -12.21
C ASN A 84 9.08 -42.84 -11.91
N LYS A 85 8.81 -43.74 -11.02
CA LYS A 85 9.88 -44.78 -10.72
C LYS A 85 9.19 -45.94 -10.08
N ASP A 86 9.83 -47.08 -9.96
CA ASP A 86 9.20 -48.26 -9.32
C ASP A 86 8.91 -48.01 -7.82
N ALA A 87 7.62 -48.10 -7.46
CA ALA A 87 7.27 -47.75 -6.07
C ALA A 87 7.48 -48.96 -5.16
N THR A 88 7.83 -50.02 -5.84
CA THR A 88 8.10 -51.27 -5.09
C THR A 88 9.09 -51.00 -3.96
N GLY A 89 8.56 -51.38 -2.76
CA GLY A 89 9.28 -51.13 -1.49
C GLY A 89 9.38 -49.68 -1.05
N ILE A 90 8.44 -48.80 -1.50
CA ILE A 90 8.65 -47.37 -1.06
C ILE A 90 7.67 -47.24 0.08
N ASP A 91 8.23 -46.78 1.20
CA ASP A 91 7.20 -46.77 2.35
C ASP A 91 6.46 -45.51 2.38
N ASN A 92 6.87 -44.53 1.55
CA ASN A 92 6.23 -43.19 1.70
C ASN A 92 6.31 -42.46 0.36
N HIS A 93 5.22 -42.70 -0.38
CA HIS A 93 5.19 -42.23 -1.77
C HIS A 93 5.40 -40.73 -1.79
N ARG A 94 4.74 -40.16 -0.79
CA ARG A 94 4.73 -38.66 -0.78
C ARG A 94 6.17 -38.23 -0.66
N GLU A 95 6.84 -38.96 0.24
CA GLU A 95 8.24 -38.65 0.44
C GLU A 95 9.14 -38.98 -0.69
N ALA A 96 8.82 -39.89 -1.58
CA ALA A 96 9.69 -40.25 -2.74
C ALA A 96 9.37 -39.37 -3.94
N LYS A 97 8.51 -38.35 -3.74
CA LYS A 97 7.97 -37.55 -4.80
C LYS A 97 7.28 -38.50 -5.84
N LEU A 98 6.65 -39.51 -5.32
CA LEU A 98 5.88 -40.39 -6.24
C LEU A 98 4.64 -39.71 -6.69
N PHE A 99 4.47 -38.64 -6.03
CA PHE A 99 3.36 -37.75 -6.20
C PHE A 99 3.61 -36.73 -5.18
N ASN A 100 3.10 -35.61 -5.38
CA ASN A 100 3.41 -34.52 -4.49
C ASN A 100 2.25 -33.64 -4.45
N ASP A 101 2.26 -32.72 -3.56
CA ASP A 101 1.15 -31.80 -3.56
C ASP A 101 1.66 -30.41 -3.32
N TRP A 102 0.72 -29.57 -3.17
CA TRP A 102 0.98 -28.16 -3.06
C TRP A 102 -0.15 -27.55 -2.30
N LYS A 103 0.23 -26.89 -1.25
CA LYS A 103 -0.69 -26.23 -0.35
C LYS A 103 -0.95 -24.88 -0.95
N ILE A 104 -1.94 -24.87 -1.80
CA ILE A 104 -2.24 -23.72 -2.64
C ILE A 104 -2.12 -22.43 -1.90
N ASN A 105 -1.60 -21.50 -2.61
CA ASN A 105 -1.23 -20.24 -2.04
C ASN A 105 -0.62 -19.43 -3.17
N LEU A 106 -0.58 -18.12 -3.04
CA LEU A 106 -0.17 -17.26 -4.18
C LEU A 106 0.93 -16.30 -3.79
N SER A 107 1.29 -16.47 -2.57
CA SER A 107 2.28 -15.65 -1.89
C SER A 107 3.66 -16.34 -1.76
N SER A 108 3.80 -17.57 -2.26
CA SER A 108 5.13 -18.30 -2.14
C SER A 108 6.23 -17.73 -3.07
N LEU A 109 5.88 -17.46 -4.29
CA LEU A 109 6.82 -16.84 -5.25
C LEU A 109 6.52 -15.36 -5.21
N VAL A 110 7.56 -14.56 -5.12
CA VAL A 110 7.42 -13.14 -4.72
C VAL A 110 7.46 -12.05 -5.80
N GLN A 111 7.16 -12.32 -7.05
CA GLN A 111 7.14 -11.24 -8.10
C GLN A 111 5.73 -10.78 -8.26
N LEU A 112 4.89 -11.75 -8.28
CA LEU A 112 3.48 -11.53 -8.35
C LEU A 112 3.00 -11.01 -6.99
N ARG A 113 3.64 -11.48 -5.95
CA ARG A 113 3.27 -11.09 -4.59
C ARG A 113 3.38 -9.62 -4.37
N LYS A 114 4.46 -8.99 -4.74
CA LYS A 114 4.60 -7.54 -4.49
C LYS A 114 3.49 -6.81 -5.22
N LYS A 115 3.15 -7.21 -6.43
CA LYS A 115 2.09 -6.62 -7.25
C LYS A 115 0.76 -6.71 -6.52
N LEU A 116 0.36 -7.89 -6.01
CA LEU A 116 -0.91 -7.99 -5.34
C LEU A 116 -0.94 -7.18 -4.06
N GLU A 117 0.20 -7.06 -3.40
CA GLU A 117 0.12 -6.47 -2.01
C GLU A 117 0.18 -4.97 -2.06
N LEU A 118 -0.07 -4.44 -3.23
CA LEU A 118 -0.20 -2.97 -3.45
C LEU A 118 -1.63 -2.57 -3.02
N PHE A 119 -2.51 -3.51 -2.83
CA PHE A 119 -3.89 -3.50 -2.45
C PHE A 119 -4.13 -4.30 -1.16
N THR A 120 -5.16 -4.00 -0.40
CA THR A 120 -5.50 -4.71 0.81
C THR A 120 -6.41 -5.87 0.59
N TYR A 121 -7.48 -5.74 -0.18
CA TYR A 121 -8.47 -6.78 -0.51
C TYR A 121 -8.47 -6.89 -2.05
N VAL A 122 -8.64 -8.07 -2.53
CA VAL A 122 -8.52 -8.23 -4.07
C VAL A 122 -9.53 -9.25 -4.39
N ARG A 123 -10.22 -9.20 -5.48
CA ARG A 123 -11.24 -10.22 -5.85
C ARG A 123 -11.05 -10.52 -7.33
N PHE A 124 -10.96 -11.77 -7.75
CA PHE A 124 -10.74 -12.10 -9.16
C PHE A 124 -11.00 -13.56 -9.42
N ASP A 125 -11.22 -13.96 -10.67
CA ASP A 125 -11.27 -15.38 -11.08
C ASP A 125 -9.83 -15.76 -11.43
N SER A 126 -9.45 -16.97 -11.39
CA SER A 126 -8.08 -17.36 -11.71
C SER A 126 -8.06 -18.17 -12.95
N GLU A 127 -7.09 -17.94 -13.76
CA GLU A 127 -6.91 -18.88 -14.89
C GLU A 127 -5.59 -19.57 -14.63
N TYR A 128 -5.50 -20.87 -14.45
CA TYR A 128 -4.22 -21.57 -14.23
C TYR A 128 -3.64 -22.13 -15.49
N THR A 129 -2.36 -22.03 -15.76
CA THR A 129 -1.74 -22.82 -16.89
C THR A 129 -0.75 -23.70 -16.20
N ILE A 130 -0.63 -24.94 -16.52
CA ILE A 130 0.35 -25.83 -15.84
C ILE A 130 1.29 -26.38 -16.89
N LEU A 131 2.52 -26.06 -16.89
CA LEU A 131 3.50 -26.63 -17.88
C LEU A 131 4.24 -27.75 -17.16
N ALA A 132 4.47 -28.88 -17.72
CA ALA A 132 5.17 -30.03 -17.14
C ALA A 132 6.29 -30.44 -18.05
N THR A 133 7.51 -30.47 -17.70
CA THR A 133 8.57 -30.93 -18.72
C THR A 133 9.27 -32.08 -18.11
N ALA A 134 9.87 -32.99 -18.89
CA ALA A 134 10.53 -34.15 -18.21
C ALA A 134 12.02 -34.03 -18.40
N SER A 135 12.74 -34.58 -17.50
CA SER A 135 14.17 -34.68 -17.41
C SER A 135 14.54 -36.16 -17.15
N GLN A 136 15.63 -36.53 -17.74
CA GLN A 136 16.13 -37.95 -17.53
C GLN A 136 17.62 -37.86 -17.25
N PRO A 137 17.93 -37.38 -16.05
CA PRO A 137 19.33 -37.16 -15.69
C PRO A 137 20.14 -38.41 -15.76
N ASP A 138 19.65 -39.62 -15.75
CA ASP A 138 20.72 -40.67 -15.85
C ASP A 138 20.34 -41.75 -16.82
N SER A 139 21.17 -41.92 -17.80
CA SER A 139 21.06 -42.99 -18.76
C SER A 139 19.71 -43.60 -18.99
N ALA A 140 19.07 -43.23 -20.09
CA ALA A 140 17.76 -43.88 -20.43
C ALA A 140 17.83 -44.24 -21.91
N ASN A 141 17.12 -45.24 -22.35
CA ASN A 141 17.18 -45.56 -23.78
C ASN A 141 16.38 -44.56 -24.60
N TYR A 142 15.40 -44.05 -23.87
CA TYR A 142 14.44 -43.16 -24.43
C TYR A 142 13.75 -42.29 -23.40
N SER A 143 12.91 -41.44 -24.00
CA SER A 143 12.05 -40.47 -23.27
C SER A 143 10.66 -41.02 -23.16
N SER A 144 10.14 -41.31 -22.01
CA SER A 144 8.76 -42.07 -22.13
C SER A 144 7.66 -41.10 -22.30
N ASN A 145 6.41 -41.49 -22.63
CA ASN A 145 5.39 -40.41 -22.60
C ASN A 145 4.37 -40.68 -21.52
N LEU A 146 4.55 -39.80 -20.55
CA LEU A 146 3.86 -39.71 -19.31
C LEU A 146 2.65 -38.76 -19.39
N VAL A 147 1.62 -39.12 -18.71
CA VAL A 147 0.43 -38.31 -18.54
C VAL A 147 0.41 -37.83 -17.11
N VAL A 148 0.34 -36.58 -16.78
CA VAL A 148 0.22 -36.07 -15.40
C VAL A 148 -1.23 -36.03 -14.97
N GLN A 149 -1.60 -36.14 -13.78
CA GLN A 149 -3.03 -35.96 -13.35
C GLN A 149 -3.04 -35.06 -12.11
N ALA A 150 -3.00 -33.78 -12.31
CA ALA A 150 -3.07 -32.84 -11.19
C ALA A 150 -4.51 -32.79 -10.72
N MET A 151 -4.78 -32.98 -9.46
CA MET A 151 -6.18 -32.92 -9.01
C MET A 151 -6.32 -32.00 -7.81
N TYR A 152 -7.42 -31.28 -7.76
CA TYR A 152 -7.66 -30.29 -6.68
C TYR A 152 -8.23 -30.99 -5.47
N VAL A 153 -7.57 -30.83 -4.34
CA VAL A 153 -8.05 -31.45 -3.10
C VAL A 153 -8.37 -30.37 -2.09
N PRO A 154 -9.65 -30.00 -2.00
CA PRO A 154 -10.15 -28.96 -1.08
C PRO A 154 -10.16 -29.41 0.37
N PRO A 155 -10.29 -28.48 1.31
CA PRO A 155 -10.22 -28.76 2.74
C PRO A 155 -11.32 -29.64 3.21
N GLY A 156 -10.93 -30.82 3.63
CA GLY A 156 -11.87 -31.77 4.25
C GLY A 156 -12.21 -32.87 3.28
N ALA A 157 -11.22 -33.20 2.49
CA ALA A 157 -11.34 -34.21 1.46
C ALA A 157 -10.28 -35.26 1.70
N PRO A 158 -10.50 -36.51 1.39
CA PRO A 158 -9.53 -37.52 1.71
C PRO A 158 -8.24 -37.20 1.08
N ASN A 159 -7.28 -36.76 1.85
CA ASN A 159 -5.94 -36.51 1.27
C ASN A 159 -5.43 -37.86 0.76
N PRO A 160 -4.65 -37.91 -0.33
CA PRO A 160 -4.16 -39.14 -0.96
C PRO A 160 -2.94 -39.57 -0.30
N LYS A 161 -2.76 -40.85 -0.25
CA LYS A 161 -1.63 -41.38 0.46
C LYS A 161 -0.66 -42.09 -0.39
N GLU A 162 -1.04 -42.87 -1.30
CA GLU A 162 -0.10 -43.48 -2.25
C GLU A 162 -0.31 -42.88 -3.59
N TRP A 163 0.53 -43.17 -4.55
CA TRP A 163 0.35 -42.54 -5.87
C TRP A 163 -0.75 -43.19 -6.59
N ASP A 164 -1.33 -44.26 -6.00
CA ASP A 164 -2.52 -44.81 -6.71
C ASP A 164 -3.71 -45.20 -5.87
N ASP A 165 -4.00 -44.57 -4.75
CA ASP A 165 -5.07 -44.54 -3.83
C ASP A 165 -6.45 -44.45 -4.52
N TYR A 166 -7.45 -44.66 -3.67
CA TYR A 166 -8.86 -44.54 -4.22
C TYR A 166 -9.07 -43.07 -4.50
N THR A 167 -8.37 -42.21 -3.74
CA THR A 167 -8.48 -40.76 -3.89
C THR A 167 -8.41 -40.27 -5.33
N TRP A 168 -7.50 -40.92 -6.07
CA TRP A 168 -7.27 -40.47 -7.46
C TRP A 168 -8.44 -40.74 -8.34
N GLN A 169 -9.41 -41.46 -7.87
CA GLN A 169 -10.65 -41.76 -8.64
C GLN A 169 -11.31 -40.40 -8.95
N SER A 170 -11.18 -39.59 -7.93
CA SER A 170 -11.62 -38.16 -8.01
C SER A 170 -12.99 -38.08 -8.63
N ALA A 171 -13.95 -38.74 -8.03
CA ALA A 171 -15.30 -38.82 -8.59
C ALA A 171 -16.07 -37.55 -8.37
N SER A 172 -15.69 -36.81 -7.35
CA SER A 172 -16.41 -35.55 -7.11
C SER A 172 -15.49 -34.38 -7.19
N ASN A 173 -14.26 -34.48 -7.40
CA ASN A 173 -13.20 -33.43 -7.29
C ASN A 173 -12.65 -33.14 -8.63
N PRO A 174 -12.60 -31.92 -9.10
CA PRO A 174 -12.20 -31.67 -10.51
C PRO A 174 -10.81 -32.13 -10.75
N SER A 175 -10.58 -32.94 -11.77
CA SER A 175 -9.07 -33.22 -12.05
C SER A 175 -8.82 -33.12 -13.52
N VAL A 176 -7.65 -32.73 -14.01
CA VAL A 176 -7.28 -32.59 -15.38
C VAL A 176 -6.14 -33.63 -15.69
N PHE A 177 -6.14 -34.32 -16.78
CA PHE A 177 -5.06 -35.25 -17.19
C PHE A 177 -4.40 -34.62 -18.42
N PHE A 178 -3.19 -34.31 -18.48
CA PHE A 178 -2.52 -33.78 -19.71
C PHE A 178 -1.20 -34.48 -19.89
N LYS A 179 -0.50 -34.30 -20.96
CA LYS A 179 0.78 -34.99 -21.21
C LYS A 179 1.95 -34.11 -20.78
N VAL A 180 2.95 -34.79 -20.25
CA VAL A 180 4.22 -34.04 -19.92
C VAL A 180 4.69 -33.32 -21.17
N GLY A 181 5.12 -32.08 -21.15
CA GLY A 181 5.62 -31.41 -22.39
C GLY A 181 4.52 -30.51 -22.92
N ASP A 182 3.30 -30.92 -22.62
CA ASP A 182 2.15 -30.08 -22.92
C ASP A 182 1.86 -29.29 -21.64
N THR A 183 0.82 -28.56 -21.77
CA THR A 183 0.23 -27.60 -20.88
C THR A 183 -1.20 -27.85 -20.61
N SER A 184 -1.63 -27.54 -19.45
CA SER A 184 -3.11 -27.78 -19.13
C SER A 184 -3.64 -26.44 -18.77
N ARG A 185 -4.86 -26.13 -19.00
CA ARG A 185 -5.38 -24.80 -18.71
C ARG A 185 -6.80 -24.84 -18.35
N PHE A 186 -7.21 -24.26 -17.32
CA PHE A 186 -8.60 -24.24 -16.96
C PHE A 186 -8.79 -23.06 -16.08
N SER A 187 -9.96 -22.79 -15.60
CA SER A 187 -10.06 -21.38 -14.86
C SER A 187 -10.93 -21.66 -13.70
N VAL A 188 -10.73 -21.07 -12.56
CA VAL A 188 -11.56 -21.49 -11.32
C VAL A 188 -12.14 -20.17 -10.94
N PRO A 189 -13.47 -20.09 -10.59
CA PRO A 189 -14.15 -18.90 -10.15
C PRO A 189 -13.52 -18.39 -8.87
N TYR A 190 -13.83 -17.22 -8.43
CA TYR A 190 -13.31 -16.70 -7.13
C TYR A 190 -13.87 -17.56 -5.98
N VAL A 191 -13.03 -18.44 -5.39
CA VAL A 191 -13.41 -19.30 -4.34
C VAL A 191 -13.28 -18.77 -2.92
N GLY A 192 -13.06 -17.51 -2.73
CA GLY A 192 -12.95 -16.96 -1.34
C GLY A 192 -14.19 -17.14 -0.53
N LEU A 193 -14.10 -17.24 0.79
CA LEU A 193 -15.24 -17.35 1.64
C LEU A 193 -15.86 -15.94 1.82
N ALA A 194 -15.11 -14.89 1.86
CA ALA A 194 -15.70 -13.52 2.09
C ALA A 194 -15.97 -12.83 0.78
N SER A 195 -16.00 -11.53 0.79
CA SER A 195 -16.40 -10.80 -0.45
C SER A 195 -15.17 -10.56 -1.27
N ALA A 196 -14.01 -10.59 -0.64
CA ALA A 196 -12.71 -10.36 -1.31
C ALA A 196 -11.67 -11.26 -0.63
N TYR A 197 -10.52 -11.46 -1.17
CA TYR A 197 -9.43 -12.22 -0.50
C TYR A 197 -8.70 -11.22 0.38
N ASN A 198 -8.29 -11.50 1.58
CA ASN A 198 -7.53 -10.43 2.33
C ASN A 198 -6.05 -10.54 1.90
N CYS A 199 -5.47 -9.52 1.38
CA CYS A 199 -4.04 -9.49 1.15
C CYS A 199 -3.35 -9.33 2.53
N PHE A 200 -4.03 -8.83 3.50
CA PHE A 200 -3.48 -8.63 4.82
C PHE A 200 -4.60 -8.90 5.81
N TYR A 201 -4.23 -9.25 7.02
CA TYR A 201 -5.30 -9.55 8.01
C TYR A 201 -4.73 -9.28 9.39
N ASP A 202 -5.14 -8.24 10.10
CA ASP A 202 -4.42 -8.04 11.42
C ASP A 202 -5.33 -8.70 12.39
N GLY A 203 -5.33 -10.05 12.33
CA GLY A 203 -6.23 -10.77 13.31
C GLY A 203 -5.71 -12.19 13.56
N TYR A 204 -6.47 -12.96 14.28
CA TYR A 204 -6.27 -14.34 14.66
C TYR A 204 -7.49 -15.16 14.30
N SER A 205 -7.46 -16.48 14.43
CA SER A 205 -8.61 -17.28 14.05
C SER A 205 -9.54 -17.35 15.25
N HIS A 206 -8.95 -17.04 16.36
CA HIS A 206 -9.80 -16.96 17.60
C HIS A 206 -8.95 -16.31 18.65
N ASP A 207 -9.57 -16.00 19.77
CA ASP A 207 -8.78 -15.28 20.80
C ASP A 207 -8.04 -16.27 21.76
N ASP A 208 -7.13 -17.08 21.21
CA ASP A 208 -6.25 -17.99 22.01
C ASP A 208 -4.95 -17.22 22.25
N ALA A 209 -4.18 -17.64 23.17
CA ALA A 209 -3.00 -16.92 23.42
C ALA A 209 -1.83 -17.30 22.53
N GLU A 210 -1.91 -18.38 21.88
CA GLU A 210 -0.72 -18.83 21.13
C GLU A 210 -1.14 -19.08 19.71
N THR A 211 -2.36 -18.67 19.28
CA THR A 211 -2.68 -19.05 17.83
C THR A 211 -2.00 -18.10 16.87
N GLN A 212 -1.61 -18.69 15.76
CA GLN A 212 -0.93 -17.99 14.69
C GLN A 212 -1.68 -16.71 14.34
N TYR A 213 -0.89 -15.80 13.84
CA TYR A 213 -1.28 -14.44 13.49
C TYR A 213 -0.97 -14.17 12.03
N GLY A 214 -1.95 -13.73 11.29
CA GLY A 214 -1.73 -13.41 9.89
C GLY A 214 -2.94 -13.78 9.05
N ILE A 215 -2.62 -14.15 7.84
CA ILE A 215 -3.60 -14.56 6.87
C ILE A 215 -3.52 -16.09 6.70
N THR A 216 -2.31 -16.63 6.93
CA THR A 216 -2.07 -18.08 6.82
C THR A 216 -3.26 -18.85 7.46
N VAL A 217 -3.87 -18.21 8.47
CA VAL A 217 -5.07 -18.75 9.22
C VAL A 217 -6.31 -18.63 8.40
N LEU A 218 -6.24 -17.60 7.66
CA LEU A 218 -7.30 -17.17 6.84
C LEU A 218 -7.35 -17.92 5.55
N ALA A 219 -6.22 -17.90 4.93
CA ALA A 219 -6.14 -18.33 3.57
C ALA A 219 -5.56 -19.68 3.40
N HIS A 220 -6.30 -20.54 3.97
CA HIS A 220 -6.10 -21.95 3.88
C HIS A 220 -7.21 -22.41 2.94
N MET A 221 -6.79 -22.48 1.68
CA MET A 221 -7.66 -22.82 0.55
C MET A 221 -7.51 -24.27 0.09
N GLY A 222 -6.88 -25.09 0.88
CA GLY A 222 -6.68 -26.49 0.52
C GLY A 222 -5.54 -26.57 -0.50
N SER A 223 -5.15 -27.78 -0.81
CA SER A 223 -3.99 -27.99 -1.69
C SER A 223 -4.35 -28.71 -2.98
N MET A 224 -3.40 -28.60 -3.88
CA MET A 224 -3.42 -29.20 -5.22
C MET A 224 -2.43 -30.36 -5.23
N ALA A 225 -2.80 -31.46 -5.87
CA ALA A 225 -1.94 -32.67 -5.88
C ALA A 225 -1.72 -33.22 -7.29
N PHE A 226 -0.45 -33.50 -7.59
CA PHE A 226 -0.02 -34.01 -8.91
C PHE A 226 0.54 -35.42 -8.85
N ARG A 227 0.42 -36.18 -9.87
CA ARG A 227 1.05 -37.52 -9.93
C ARG A 227 1.19 -37.89 -11.39
N ILE A 228 1.99 -38.87 -11.71
CA ILE A 228 2.07 -39.43 -13.10
C ILE A 228 1.15 -40.60 -13.17
N VAL A 229 0.47 -40.76 -14.31
CA VAL A 229 -0.55 -41.89 -14.25
C VAL A 229 0.22 -43.11 -14.64
N ASN A 230 1.29 -42.96 -15.46
CA ASN A 230 2.02 -44.10 -15.99
C ASN A 230 2.67 -44.95 -14.88
N GLU A 231 2.72 -46.27 -15.16
CA GLU A 231 3.52 -47.16 -14.30
C GLU A 231 4.98 -46.85 -14.73
N HIS A 232 5.90 -47.54 -14.07
CA HIS A 232 7.30 -47.31 -14.31
C HIS A 232 7.84 -48.14 -15.47
N ASP A 233 8.79 -47.40 -16.14
CA ASP A 233 9.63 -47.97 -17.18
C ASP A 233 10.93 -48.40 -16.43
N GLU A 234 11.86 -48.86 -17.28
CA GLU A 234 13.16 -49.28 -16.68
C GLU A 234 13.87 -48.09 -16.18
N HIS A 235 13.91 -46.92 -16.80
CA HIS A 235 14.70 -45.81 -16.17
C HIS A 235 13.78 -44.97 -15.29
N LYS A 236 14.34 -43.93 -14.76
CA LYS A 236 13.55 -43.03 -13.84
C LYS A 236 13.29 -41.76 -14.60
N THR A 237 12.25 -41.04 -14.36
CA THR A 237 11.97 -39.83 -15.16
C THR A 237 11.56 -38.74 -14.14
N LEU A 238 12.23 -37.62 -14.24
CA LEU A 238 11.88 -36.48 -13.35
C LEU A 238 10.94 -35.58 -14.13
N VAL A 239 9.82 -35.28 -13.49
CA VAL A 239 8.83 -34.35 -14.16
C VAL A 239 8.75 -33.15 -13.24
N LYS A 240 8.90 -32.00 -13.79
CA LYS A 240 8.92 -30.76 -12.92
C LYS A 240 7.69 -29.96 -13.38
N ILE A 241 6.85 -29.64 -12.42
CA ILE A 241 5.59 -28.89 -12.67
C ILE A 241 5.73 -27.43 -12.33
N ARG A 242 5.33 -26.59 -13.31
CA ARG A 242 5.26 -25.12 -13.11
C ARG A 242 3.79 -24.63 -13.24
N VAL A 243 3.26 -24.05 -12.19
CA VAL A 243 1.90 -23.53 -12.20
C VAL A 243 1.93 -22.04 -12.47
N TYR A 244 1.24 -21.54 -13.46
CA TYR A 244 1.13 -20.09 -13.77
C TYR A 244 -0.25 -19.60 -13.37
N HIS A 245 -0.40 -18.40 -12.87
CA HIS A 245 -1.72 -17.90 -12.47
C HIS A 245 -1.98 -16.54 -13.09
N ARG A 246 -3.11 -16.31 -13.69
CA ARG A 246 -3.55 -15.06 -14.31
C ARG A 246 -4.87 -14.62 -13.67
N ALA A 247 -4.92 -13.47 -13.13
CA ALA A 247 -6.16 -12.94 -12.57
C ALA A 247 -7.03 -12.42 -13.72
N LYS A 248 -8.32 -12.77 -13.71
CA LYS A 248 -9.27 -12.19 -14.72
C LYS A 248 -10.47 -11.72 -13.91
N HIS A 249 -11.02 -10.59 -14.32
CA HIS A 249 -12.17 -9.94 -13.66
C HIS A 249 -11.75 -9.37 -12.34
N VAL A 250 -10.70 -8.57 -12.31
CA VAL A 250 -10.08 -8.07 -11.09
C VAL A 250 -10.77 -6.97 -10.37
N GLU A 251 -10.78 -6.98 -9.09
CA GLU A 251 -11.41 -5.80 -8.34
C GLU A 251 -10.50 -5.58 -7.15
N ALA A 252 -9.98 -4.40 -6.91
CA ALA A 252 -8.99 -4.22 -5.83
C ALA A 252 -9.35 -3.10 -4.93
N TRP A 253 -9.27 -3.12 -3.64
CA TRP A 253 -9.62 -1.99 -2.78
C TRP A 253 -8.46 -1.61 -1.88
N ILE A 254 -8.40 -0.38 -1.49
CA ILE A 254 -7.49 0.24 -0.56
C ILE A 254 -6.04 0.10 -0.84
N PRO A 255 -5.44 1.02 -1.59
CA PRO A 255 -3.99 0.95 -1.97
C PRO A 255 -3.12 1.04 -0.75
N ARG A 256 -1.96 0.45 -0.72
CA ARG A 256 -1.03 0.55 0.44
C ARG A 256 0.36 0.86 -0.05
N ALA A 257 1.27 1.17 0.81
CA ALA A 257 2.68 1.45 0.51
C ALA A 257 3.34 0.22 -0.09
N PRO A 258 4.20 0.31 -1.12
CA PRO A 258 4.76 -0.89 -1.76
C PRO A 258 5.70 -1.59 -0.83
N ARG A 259 5.98 -2.87 -0.99
CA ARG A 259 6.91 -3.61 -0.20
C ARG A 259 8.35 -3.13 -0.34
N ALA A 260 9.04 -2.78 0.70
CA ALA A 260 10.40 -2.29 0.58
C ALA A 260 11.37 -3.37 0.94
N LEU A 261 11.25 -4.07 2.07
CA LEU A 261 12.24 -5.10 2.47
C LEU A 261 11.85 -6.43 1.83
N PRO A 262 12.79 -7.36 1.87
CA PRO A 262 12.61 -8.71 1.31
C PRO A 262 11.61 -9.43 2.16
N TYR A 263 11.07 -10.49 1.60
CA TYR A 263 10.07 -11.35 2.23
C TYR A 263 10.77 -12.57 2.88
N THR A 264 10.19 -13.13 3.90
CA THR A 264 10.79 -14.26 4.60
C THR A 264 9.82 -15.39 4.63
N SER A 265 8.54 -15.12 4.68
CA SER A 265 7.52 -16.21 4.89
C SER A 265 6.25 -16.06 4.12
N ILE A 266 5.56 -17.13 3.71
CA ILE A 266 4.24 -17.03 3.09
C ILE A 266 3.31 -16.53 4.21
N GLY A 267 2.68 -15.41 3.93
CA GLY A 267 1.61 -14.94 4.81
C GLY A 267 2.00 -14.13 5.98
N ARG A 268 3.28 -13.86 6.17
CA ARG A 268 3.51 -12.86 7.29
C ARG A 268 4.30 -11.75 6.63
N THR A 269 4.24 -10.61 7.23
CA THR A 269 4.83 -9.37 6.77
C THR A 269 6.28 -9.19 7.12
N ASN A 270 6.76 -10.14 7.98
CA ASN A 270 8.08 -10.19 8.48
C ASN A 270 9.19 -10.04 7.36
N TYR A 271 10.15 -9.28 7.75
CA TYR A 271 11.35 -9.02 6.98
C TYR A 271 12.55 -9.57 7.78
N PRO A 272 13.63 -9.86 7.08
CA PRO A 272 14.83 -10.41 7.67
C PRO A 272 15.63 -9.48 8.53
N LYS A 273 16.30 -9.96 9.60
CA LYS A 273 17.11 -9.08 10.48
C LYS A 273 18.40 -8.66 9.88
N ASN A 274 18.90 -7.52 10.29
CA ASN A 274 20.19 -7.09 9.59
C ASN A 274 19.85 -7.43 8.07
N THR A 275 19.08 -6.47 7.65
CA THR A 275 18.66 -6.42 6.21
C THR A 275 19.53 -5.34 5.63
N GLU A 276 19.51 -4.85 4.42
CA GLU A 276 20.44 -3.66 4.13
C GLU A 276 19.65 -2.43 3.91
N PRO A 277 20.30 -1.32 4.04
CA PRO A 277 19.54 0.00 3.81
C PRO A 277 18.93 -0.13 2.41
N VAL A 278 17.66 0.22 2.35
CA VAL A 278 16.91 0.12 1.08
C VAL A 278 16.96 1.45 0.40
N ILE A 279 17.26 2.56 1.04
CA ILE A 279 17.36 3.84 0.29
C ILE A 279 18.78 4.04 -0.16
N LYS A 280 19.14 4.19 -1.37
CA LYS A 280 20.50 4.40 -1.92
C LYS A 280 21.14 5.65 -1.32
N LYS A 281 22.27 5.52 -0.73
CA LYS A 281 23.01 6.68 -0.18
C LYS A 281 23.63 7.48 -1.31
N ARG A 282 23.55 8.81 -1.17
CA ARG A 282 24.16 9.68 -2.13
C ARG A 282 25.65 9.48 -2.23
N LYS A 283 26.09 9.68 -3.46
CA LYS A 283 27.70 9.67 -3.54
C LYS A 283 27.97 11.14 -3.53
N GLY A 284 27.99 11.81 -2.43
CA GLY A 284 28.17 13.29 -2.43
C GLY A 284 27.19 13.86 -1.42
N ASP A 285 27.05 15.12 -1.32
CA ASP A 285 26.17 15.90 -0.65
C ASP A 285 24.71 15.83 -0.87
N ILE A 286 24.02 16.61 0.08
CA ILE A 286 22.55 16.76 -0.27
C ILE A 286 22.53 17.60 -1.60
N LYS A 287 23.53 18.49 -1.66
CA LYS A 287 23.63 19.41 -2.77
C LYS A 287 24.02 18.76 -4.06
N SER A 288 24.50 17.54 -4.07
CA SER A 288 24.96 16.86 -5.31
C SER A 288 24.04 16.65 -6.43
N TYR A 289 24.42 16.57 -7.68
CA TYR A 289 23.38 16.27 -8.73
C TYR A 289 23.35 14.78 -9.05
N GLY B 8 -17.17 34.04 8.54
CA GLY B 8 -16.01 34.06 9.57
C GLY B 8 -15.73 32.57 9.91
N TYR B 9 -16.37 31.71 9.10
CA TYR B 9 -16.05 30.24 9.39
C TYR B 9 -14.67 30.07 8.90
N SER B 10 -13.84 29.37 9.64
CA SER B 10 -12.46 29.11 9.11
C SER B 10 -12.38 27.60 9.03
N ASP B 11 -11.56 27.06 8.27
CA ASP B 11 -11.21 25.69 8.23
C ASP B 11 -10.65 25.18 9.58
N ARG B 12 -10.11 26.14 10.29
CA ARG B 12 -9.42 26.32 11.49
C ARG B 12 -10.13 26.08 12.78
N VAL B 13 -11.32 26.58 13.00
CA VAL B 13 -12.10 26.31 14.21
C VAL B 13 -13.15 25.26 13.97
N GLN B 14 -13.41 24.35 14.83
CA GLN B 14 -14.38 23.30 14.62
C GLN B 14 -14.95 22.81 15.92
N GLN B 15 -16.13 22.24 15.82
CA GLN B 15 -16.80 21.66 16.96
C GLN B 15 -17.34 20.31 16.53
N ILE B 16 -17.07 19.25 17.25
CA ILE B 16 -17.68 17.94 16.94
C ILE B 16 -18.50 17.51 18.15
N THR B 17 -19.77 17.36 18.12
CA THR B 17 -20.57 16.94 19.26
C THR B 17 -21.06 15.53 18.95
N LEU B 18 -20.80 14.65 19.81
CA LEU B 18 -21.17 13.21 19.51
C LEU B 18 -21.53 12.64 20.86
N GLY B 19 -22.78 12.37 20.98
CA GLY B 19 -23.38 11.83 22.18
C GLY B 19 -23.47 12.99 23.17
N ASN B 20 -22.81 12.79 24.21
CA ASN B 20 -22.89 13.66 25.44
C ASN B 20 -21.58 14.32 25.63
N SER B 21 -20.77 14.29 24.55
CA SER B 21 -19.43 14.87 24.56
C SER B 21 -19.09 15.75 23.37
N THR B 22 -18.45 16.86 23.56
CA THR B 22 -18.08 17.81 22.57
C THR B 22 -16.62 18.19 22.61
N ILE B 23 -16.01 18.37 21.49
CA ILE B 23 -14.64 18.80 21.25
C ILE B 23 -14.57 20.10 20.49
N THR B 24 -13.80 21.05 20.87
CA THR B 24 -13.67 22.29 20.10
C THR B 24 -12.19 22.41 19.77
N THR B 25 -11.84 22.74 18.59
CA THR B 25 -10.50 23.07 18.20
C THR B 25 -10.53 24.45 17.53
N GLN B 26 -9.57 25.25 17.92
CA GLN B 26 -9.45 26.62 17.35
C GLN B 26 -8.28 26.65 16.39
N GLU B 27 -7.67 25.53 16.10
CA GLU B 27 -6.52 25.47 15.20
C GLU B 27 -6.38 24.21 14.41
N ALA B 28 -7.41 23.83 13.73
CA ALA B 28 -7.57 22.66 12.94
C ALA B 28 -6.96 22.86 11.55
N ALA B 29 -6.81 21.86 10.72
CA ALA B 29 -6.38 21.89 9.36
C ALA B 29 -7.33 20.95 8.60
N ASN B 30 -8.55 21.45 8.51
CA ASN B 30 -9.65 20.65 7.80
C ASN B 30 -9.78 19.30 8.51
N ALA B 31 -10.27 18.25 7.97
CA ALA B 31 -10.44 16.94 8.58
C ALA B 31 -10.48 15.95 7.40
N VAL B 32 -10.07 14.78 7.63
CA VAL B 32 -10.01 13.81 6.55
C VAL B 32 -11.15 12.81 6.81
N VAL B 33 -11.75 12.41 5.71
CA VAL B 33 -12.79 11.34 5.82
C VAL B 33 -12.28 10.20 4.94
N CYS B 34 -11.79 9.15 5.56
CA CYS B 34 -11.17 8.07 4.82
C CYS B 34 -11.87 7.70 3.55
N TYR B 35 -11.14 7.74 2.42
CA TYR B 35 -11.65 7.22 1.14
C TYR B 35 -12.91 7.97 0.80
N ALA B 36 -13.00 9.16 1.38
CA ALA B 36 -14.15 10.03 1.09
C ALA B 36 -15.46 9.38 1.45
N GLU B 37 -15.60 8.52 2.38
CA GLU B 37 -16.81 7.92 2.83
C GLU B 37 -17.04 8.09 4.30
N TRP B 38 -18.21 8.40 4.68
CA TRP B 38 -18.61 8.69 6.10
C TRP B 38 -19.19 7.52 6.72
N PRO B 39 -19.02 7.23 7.98
CA PRO B 39 -19.48 5.91 8.57
C PRO B 39 -20.97 5.74 8.32
N GLU B 40 -21.56 4.65 7.99
CA GLU B 40 -22.98 4.38 7.87
C GLU B 40 -23.35 2.98 8.40
N TYR B 41 -24.58 2.70 8.77
CA TYR B 41 -24.92 1.36 9.27
C TYR B 41 -24.93 0.35 8.11
N LEU B 42 -25.11 -0.91 8.59
CA LEU B 42 -25.01 -2.02 7.63
C LEU B 42 -26.33 -2.24 6.92
N PRO B 43 -26.36 -2.01 5.66
CA PRO B 43 -27.55 -2.21 4.84
C PRO B 43 -27.97 -3.65 4.73
N ASP B 44 -29.25 -3.94 4.52
CA ASP B 44 -29.75 -5.31 4.43
C ASP B 44 -29.17 -6.06 3.23
N VAL B 45 -29.00 -5.31 2.18
CA VAL B 45 -28.56 -5.95 0.90
C VAL B 45 -27.16 -6.54 1.16
N ASP B 46 -26.44 -5.99 2.11
CA ASP B 46 -25.10 -6.47 2.46
C ASP B 46 -25.03 -7.43 3.65
N ALA B 47 -26.10 -7.60 4.35
CA ALA B 47 -26.24 -8.41 5.52
C ALA B 47 -26.20 -9.91 5.23
N SER B 48 -25.75 -10.68 6.19
CA SER B 48 -25.70 -12.11 6.14
C SER B 48 -26.27 -12.74 7.42
N ASP B 49 -25.70 -12.44 8.54
CA ASP B 49 -26.24 -12.93 9.85
C ASP B 49 -27.71 -12.51 9.96
N VAL B 50 -28.63 -13.40 10.39
CA VAL B 50 -30.03 -13.04 10.37
C VAL B 50 -30.44 -12.30 11.61
N ASN B 51 -29.54 -12.11 12.52
CA ASN B 51 -29.91 -11.50 13.83
C ASN B 51 -30.19 -10.02 13.73
N LYS B 52 -31.17 -9.57 14.39
CA LYS B 52 -31.46 -8.05 14.42
C LYS B 52 -30.30 -7.43 15.11
N THR B 53 -29.66 -6.35 14.81
CA THR B 53 -28.47 -5.88 15.59
C THR B 53 -28.82 -4.92 16.67
N SER B 54 -27.93 -4.53 17.58
CA SER B 54 -28.30 -3.62 18.73
C SER B 54 -27.58 -2.33 18.48
N LYS B 55 -28.25 -1.22 18.64
CA LYS B 55 -27.49 0.06 18.26
C LYS B 55 -27.59 0.96 19.45
N PRO B 56 -26.69 0.84 20.38
CA PRO B 56 -26.74 1.55 21.65
C PRO B 56 -26.71 3.04 21.40
N ASP B 57 -26.38 3.48 20.18
CA ASP B 57 -26.43 4.91 19.95
C ASP B 57 -25.55 5.71 20.89
N THR B 58 -26.17 6.71 21.54
CA THR B 58 -25.43 7.72 22.30
C THR B 58 -24.66 7.18 23.45
N SER B 59 -24.86 6.01 23.91
CA SER B 59 -24.12 5.48 25.07
C SER B 59 -22.82 4.91 24.61
N VAL B 60 -22.62 4.53 23.39
CA VAL B 60 -21.39 4.05 22.84
C VAL B 60 -20.85 5.07 21.86
N CYS B 61 -21.66 5.93 21.28
CA CYS B 61 -21.06 6.84 20.23
C CYS B 61 -20.71 8.15 20.80
N ARG B 62 -19.82 8.23 21.74
CA ARG B 62 -19.38 9.46 22.40
C ARG B 62 -17.87 9.46 22.35
N PHE B 63 -17.21 10.45 22.93
CA PHE B 63 -15.72 10.55 22.78
C PHE B 63 -15.00 10.00 23.97
N TYR B 64 -14.18 8.98 23.80
CA TYR B 64 -13.30 8.49 24.91
C TYR B 64 -11.89 9.06 24.75
N THR B 65 -11.36 9.73 25.76
CA THR B 65 -9.96 10.24 25.67
C THR B 65 -9.01 9.25 26.28
N LEU B 66 -8.23 8.52 25.54
CA LEU B 66 -7.16 7.68 26.03
C LEU B 66 -6.11 8.49 26.85
N ASP B 67 -5.41 7.69 27.66
CA ASP B 67 -4.31 8.33 28.44
C ASP B 67 -3.26 9.00 27.64
N SER B 68 -2.70 10.08 28.15
CA SER B 68 -1.77 10.91 27.32
C SER B 68 -0.41 10.48 27.00
N LYS B 69 0.24 10.70 25.95
CA LYS B 69 1.65 10.33 25.66
C LYS B 69 2.52 11.60 25.81
N THR B 70 3.85 11.37 25.88
CA THR B 70 4.79 12.48 26.00
C THR B 70 5.84 12.49 24.90
N TRP B 71 5.74 13.50 24.09
CA TRP B 71 6.63 13.64 22.90
C TRP B 71 7.87 14.31 23.48
N THR B 72 8.90 13.63 23.21
CA THR B 72 10.23 14.16 23.60
C THR B 72 11.12 13.91 22.35
N THR B 73 12.24 14.57 22.53
CA THR B 73 13.16 14.58 21.40
C THR B 73 13.59 13.23 21.03
N GLY B 74 13.44 12.28 21.93
CA GLY B 74 13.81 10.93 21.48
C GLY B 74 12.71 10.07 21.00
N SER B 75 11.49 10.56 20.91
CA SER B 75 10.29 9.70 20.62
C SER B 75 10.36 9.05 19.30
N LYS B 76 9.95 7.82 19.10
CA LYS B 76 9.93 7.23 17.77
C LYS B 76 8.51 7.23 17.23
N GLY B 77 7.50 7.10 18.01
CA GLY B 77 6.10 7.16 17.43
C GLY B 77 5.24 6.22 18.23
N TRP B 78 3.94 6.20 18.17
CA TRP B 78 3.09 5.25 18.97
C TRP B 78 2.06 4.64 18.04
N CYS B 79 1.51 3.53 18.39
CA CYS B 79 0.56 2.84 17.53
C CYS B 79 -0.55 2.27 18.38
N TRP B 80 -1.80 2.55 18.04
CA TRP B 80 -2.98 2.00 18.73
C TRP B 80 -3.78 1.17 17.69
N LYS B 81 -4.46 0.18 18.14
CA LYS B 81 -5.31 -0.63 17.21
C LYS B 81 -6.76 -0.42 17.59
N LEU B 82 -7.70 -0.46 16.64
CA LEU B 82 -9.15 -0.30 16.88
C LEU B 82 -9.86 -1.58 16.43
N PRO B 83 -10.86 -2.09 17.14
CA PRO B 83 -11.41 -1.51 18.34
C PRO B 83 -10.68 -1.71 19.62
N ASP B 84 -9.51 -2.30 19.66
CA ASP B 84 -8.78 -2.63 20.89
C ASP B 84 -8.64 -1.45 21.87
N ALA B 85 -8.03 -0.37 21.42
CA ALA B 85 -7.85 0.79 22.24
C ALA B 85 -9.09 1.06 23.02
N LEU B 86 -10.25 0.76 22.55
CA LEU B 86 -11.47 1.12 23.33
C LEU B 86 -12.01 -0.06 24.11
N LYS B 87 -11.44 -1.20 24.18
CA LYS B 87 -11.91 -2.46 24.78
C LYS B 87 -12.38 -2.29 26.20
N ASP B 88 -11.99 -1.26 26.87
CA ASP B 88 -12.39 -0.94 28.20
C ASP B 88 -13.12 0.34 28.41
N MET B 89 -13.58 1.04 27.39
CA MET B 89 -14.24 2.30 27.58
C MET B 89 -15.72 2.09 27.73
N GLY B 90 -16.18 2.36 28.91
CA GLY B 90 -17.63 2.48 29.26
C GLY B 90 -18.42 1.35 28.68
N VAL B 91 -19.62 1.67 28.21
CA VAL B 91 -20.49 0.61 27.64
C VAL B 91 -20.04 0.15 26.28
N PHE B 92 -19.13 0.87 25.61
CA PHE B 92 -18.65 0.45 24.27
C PHE B 92 -18.00 -0.92 24.50
N GLY B 93 -17.05 -0.89 25.42
CA GLY B 93 -16.33 -2.08 25.80
C GLY B 93 -17.20 -3.20 26.26
N GLN B 94 -18.23 -2.99 27.02
CA GLN B 94 -19.01 -4.13 27.55
C GLN B 94 -19.65 -4.87 26.37
N ASN B 95 -20.26 -4.06 25.52
CA ASN B 95 -20.98 -4.52 24.32
C ASN B 95 -20.06 -5.41 23.51
N MET B 96 -18.83 -4.92 23.42
CA MET B 96 -17.76 -5.57 22.69
C MET B 96 -17.52 -6.96 23.16
N PHE B 97 -17.37 -7.19 24.47
CA PHE B 97 -17.09 -8.52 25.03
C PHE B 97 -18.30 -9.43 25.08
N PHE B 98 -19.48 -8.87 25.12
CA PHE B 98 -20.73 -9.52 25.21
C PHE B 98 -21.30 -9.87 23.86
N HIS B 99 -21.09 -9.27 22.72
CA HIS B 99 -21.68 -9.82 21.48
C HIS B 99 -20.65 -10.58 20.68
N SER B 100 -21.09 -11.53 19.96
CA SER B 100 -20.36 -12.33 19.01
C SER B 100 -19.80 -11.51 17.87
N LEU B 101 -20.45 -10.50 17.42
CA LEU B 101 -20.05 -9.69 16.25
C LEU B 101 -20.32 -8.25 16.47
N GLY B 102 -19.66 -7.34 15.86
CA GLY B 102 -20.03 -5.87 16.16
C GLY B 102 -19.43 -5.16 14.94
N ARG B 103 -19.71 -3.92 14.80
CA ARG B 103 -19.14 -3.16 13.60
C ARG B 103 -19.13 -1.71 13.98
N SER B 104 -18.15 -0.92 13.51
CA SER B 104 -18.14 0.49 13.93
C SER B 104 -17.29 1.38 13.09
N GLY B 105 -17.53 2.65 13.01
CA GLY B 105 -16.66 3.62 12.32
C GLY B 105 -16.15 4.50 13.48
N TYR B 106 -15.27 5.46 13.29
CA TYR B 106 -14.82 6.28 14.43
C TYR B 106 -14.51 7.69 13.99
N THR B 107 -14.53 8.63 14.92
CA THR B 107 -13.93 9.94 14.68
C THR B 107 -12.65 9.96 15.56
N VAL B 108 -11.49 10.14 15.05
CA VAL B 108 -10.22 10.18 15.81
C VAL B 108 -9.77 11.63 15.89
N HIS B 109 -9.49 12.13 17.06
CA HIS B 109 -9.06 13.60 17.17
C HIS B 109 -7.73 13.62 17.86
N VAL B 110 -6.60 13.79 17.29
CA VAL B 110 -5.26 13.81 17.99
C VAL B 110 -4.88 15.24 18.30
N GLN B 111 -4.51 15.52 19.52
CA GLN B 111 -4.24 16.86 20.03
C GLN B 111 -2.80 17.11 20.51
N CYS B 112 -2.21 18.21 20.06
CA CYS B 112 -0.87 18.55 20.55
C CYS B 112 -0.61 20.03 20.40
N ASN B 113 -0.67 20.82 21.43
CA ASN B 113 -0.45 22.29 21.25
C ASN B 113 0.91 22.71 21.81
N ALA B 114 1.50 23.77 21.34
CA ALA B 114 2.85 24.21 21.71
C ALA B 114 2.87 25.73 21.71
N THR B 115 3.84 26.40 21.16
CA THR B 115 3.75 27.90 21.06
C THR B 115 4.37 28.28 19.73
N LYS B 116 4.37 29.58 19.38
CA LYS B 116 4.95 29.94 18.05
C LYS B 116 6.47 29.90 18.06
N PHE B 117 7.10 29.36 19.08
CA PHE B 117 8.58 29.27 19.07
C PHE B 117 8.96 27.79 18.90
N HIS B 118 8.00 26.89 19.17
CA HIS B 118 8.32 25.44 18.97
C HIS B 118 8.30 25.06 17.50
N SER B 119 8.85 23.95 17.12
CA SER B 119 8.86 23.35 15.79
C SER B 119 8.69 21.82 16.06
N GLY B 120 8.28 21.16 15.07
CA GLY B 120 8.07 19.65 15.24
C GLY B 120 6.86 19.36 14.31
N CYS B 121 6.73 18.18 13.85
CA CYS B 121 5.62 17.84 12.97
C CYS B 121 5.25 16.39 13.12
N LEU B 122 4.08 15.97 13.49
CA LEU B 122 3.71 14.56 13.68
C LEU B 122 2.94 14.06 12.45
N LEU B 123 3.01 12.85 12.03
CA LEU B 123 2.14 12.31 10.95
C LEU B 123 1.02 11.55 11.67
N VAL B 124 -0.20 11.74 11.44
CA VAL B 124 -1.31 11.00 12.07
C VAL B 124 -1.92 10.15 10.98
N VAL B 125 -1.83 8.84 10.95
CA VAL B 125 -2.30 8.06 9.79
C VAL B 125 -3.14 6.90 10.23
N VAL B 126 -4.10 6.51 9.43
CA VAL B 126 -4.95 5.33 9.76
C VAL B 126 -4.65 4.24 8.77
N ILE B 127 -4.21 3.07 9.14
CA ILE B 127 -3.87 2.01 8.18
C ILE B 127 -4.86 0.85 8.24
N PRO B 128 -5.69 0.64 7.21
CA PRO B 128 -6.66 -0.47 7.25
C PRO B 128 -5.84 -1.74 7.16
N GLU B 129 -6.17 -2.73 7.96
CA GLU B 129 -5.53 -4.01 8.08
C GLU B 129 -4.05 -4.01 8.26
N HIS B 130 -3.50 -3.34 9.20
CA HIS B 130 -2.09 -3.26 9.52
C HIS B 130 -1.50 -4.51 10.13
N GLN B 131 -1.21 -5.52 9.37
CA GLN B 131 -0.65 -6.81 9.87
C GLN B 131 0.81 -6.53 10.22
N LEU B 132 1.21 -6.66 11.45
CA LEU B 132 2.57 -6.33 11.95
C LEU B 132 3.56 -7.43 11.60
N ALA B 133 4.83 -7.16 11.69
CA ALA B 133 5.88 -8.18 11.43
C ALA B 133 6.55 -8.57 12.72
N SER B 134 7.02 -9.81 12.80
CA SER B 134 7.77 -10.26 14.01
C SER B 134 9.18 -9.72 13.85
N HIS B 135 9.80 -9.21 14.84
CA HIS B 135 11.24 -8.79 14.70
C HIS B 135 12.12 -10.01 14.56
N GLU B 136 11.71 -11.21 14.92
CA GLU B 136 12.50 -12.39 14.72
C GLU B 136 12.77 -12.75 13.28
N GLY B 137 11.99 -12.30 12.35
CA GLY B 137 12.16 -12.70 10.92
C GLY B 137 11.49 -14.03 10.66
N GLY B 138 11.93 -14.68 9.61
CA GLY B 138 11.40 -16.04 9.29
C GLY B 138 9.93 -16.10 9.28
N ASN B 139 9.31 -16.93 10.06
CA ASN B 139 7.81 -16.98 10.08
C ASN B 139 7.39 -17.01 11.53
N VAL B 140 8.15 -16.32 12.35
CA VAL B 140 7.80 -16.19 13.80
C VAL B 140 6.48 -15.42 13.84
N SER B 141 5.55 -15.81 14.68
CA SER B 141 4.25 -15.03 14.70
C SER B 141 4.33 -13.92 15.71
N VAL B 142 3.38 -13.04 15.82
CA VAL B 142 3.32 -11.98 16.80
C VAL B 142 2.17 -12.36 17.73
N LYS B 143 2.44 -12.73 18.95
CA LYS B 143 1.40 -13.18 19.84
C LYS B 143 0.36 -12.02 20.10
N TYR B 144 -0.83 -12.53 20.33
CA TYR B 144 -2.09 -11.88 20.58
C TYR B 144 -1.93 -10.68 21.50
N THR B 145 -1.54 -11.01 22.68
CA THR B 145 -1.27 -9.90 23.64
C THR B 145 -0.47 -8.81 23.01
N PHE B 146 0.53 -9.12 22.28
CA PHE B 146 1.33 -8.04 21.68
C PHE B 146 0.60 -7.18 20.71
N THR B 147 -0.42 -7.60 20.06
CA THR B 147 -1.15 -6.82 19.10
C THR B 147 -2.45 -6.39 19.74
N HIS B 148 -2.58 -6.46 21.02
CA HIS B 148 -3.77 -6.01 21.71
C HIS B 148 -3.38 -5.20 22.94
N PRO B 149 -2.51 -4.20 22.78
CA PRO B 149 -2.04 -3.38 23.84
C PRO B 149 -3.10 -2.64 24.56
N GLY B 150 -4.30 -2.54 24.04
CA GLY B 150 -5.35 -1.79 24.82
C GLY B 150 -5.00 -0.30 24.71
N GLU B 151 -5.48 0.43 25.67
CA GLU B 151 -5.45 1.93 25.60
C GLU B 151 -4.04 2.37 25.61
N ARG B 152 -3.14 1.58 26.12
CA ARG B 152 -1.71 1.91 26.19
C ARG B 152 -1.09 2.04 24.83
N GLY B 153 -1.55 1.24 23.88
CA GLY B 153 -1.04 1.25 22.50
C GLY B 153 0.37 0.68 22.55
N ILE B 154 1.06 0.67 21.52
CA ILE B 154 2.40 0.18 21.33
C ILE B 154 3.36 1.36 21.25
N ASP B 155 4.48 1.35 21.90
CA ASP B 155 5.43 2.45 21.90
C ASP B 155 6.65 1.98 21.10
N LEU B 156 6.69 2.57 19.95
CA LEU B 156 7.73 2.25 18.97
C LEU B 156 9.11 2.55 19.47
N SER B 157 9.27 3.04 20.66
CA SER B 157 10.69 3.31 21.10
C SER B 157 10.94 2.41 22.30
N SER B 158 10.00 1.53 22.56
CA SER B 158 10.16 0.50 23.60
C SER B 158 11.05 -0.59 23.01
N ALA B 159 11.50 -1.51 23.80
CA ALA B 159 12.41 -2.57 23.29
C ALA B 159 11.73 -3.76 22.64
N ASN B 160 12.45 -4.43 21.72
CA ASN B 160 11.84 -5.67 21.17
C ASN B 160 11.47 -6.57 22.33
N GLU B 161 10.36 -7.23 22.26
CA GLU B 161 10.02 -8.23 23.34
C GLU B 161 9.76 -9.54 22.61
N VAL B 162 9.48 -10.60 23.36
CA VAL B 162 9.50 -11.93 22.63
C VAL B 162 8.10 -12.24 22.28
N GLY B 163 7.83 -12.34 21.00
CA GLY B 163 6.42 -12.70 20.62
C GLY B 163 5.69 -11.41 20.26
N GLY B 164 6.44 -10.35 20.44
CA GLY B 164 5.93 -9.01 20.07
C GLY B 164 6.35 -8.71 18.61
N PRO B 165 5.83 -7.58 18.10
CA PRO B 165 6.14 -7.09 16.76
C PRO B 165 7.47 -6.35 16.74
N VAL B 166 7.97 -6.07 15.58
CA VAL B 166 9.21 -5.26 15.38
C VAL B 166 8.81 -3.80 15.61
N LYS B 167 9.70 -2.90 16.04
CA LYS B 167 9.17 -1.50 16.30
C LYS B 167 9.96 -0.48 15.56
N ASP B 168 10.58 -0.87 14.51
CA ASP B 168 11.42 -0.05 13.63
C ASP B 168 10.62 0.96 12.88
N VAL B 169 10.57 2.21 13.06
CA VAL B 169 9.80 3.17 12.33
C VAL B 169 10.09 3.29 10.82
N LEU B 170 11.32 3.38 10.32
CA LEU B 170 11.43 3.59 8.81
C LEU B 170 10.69 2.42 8.15
N TYR B 171 10.24 1.39 8.78
CA TYR B 171 9.53 0.30 8.06
C TYR B 171 8.09 0.07 8.42
N ASN B 172 7.35 0.99 9.07
CA ASN B 172 5.96 0.88 9.37
C ASN B 172 5.62 -0.41 10.10
N MET B 173 6.53 -1.08 10.76
CA MET B 173 6.22 -2.34 11.44
C MET B 173 5.78 -3.42 10.45
N ASN B 174 6.11 -3.27 9.16
CA ASN B 174 5.77 -4.31 8.21
C ASN B 174 6.58 -4.39 6.94
N GLY B 175 7.72 -3.84 6.73
CA GLY B 175 8.42 -4.05 5.50
C GLY B 175 8.05 -3.04 4.46
N THR B 176 7.49 -1.94 4.83
CA THR B 176 7.22 -0.81 3.82
C THR B 176 7.84 0.45 4.32
N LEU B 177 8.12 1.42 3.51
CA LEU B 177 8.85 2.63 4.02
C LEU B 177 7.97 3.71 4.59
N LEU B 178 8.37 4.34 5.68
CA LEU B 178 7.67 5.42 6.36
C LEU B 178 7.20 6.46 5.34
N GLY B 179 8.04 6.89 4.48
CA GLY B 179 7.70 7.83 3.43
C GLY B 179 6.47 7.54 2.68
N ASN B 180 5.99 6.34 2.47
CA ASN B 180 4.81 6.02 1.67
C ASN B 180 3.56 5.82 2.45
N LEU B 181 3.51 6.13 3.66
CA LEU B 181 2.36 5.96 4.55
C LEU B 181 1.33 6.99 4.12
N LEU B 182 1.79 7.95 3.36
CA LEU B 182 0.95 9.05 2.89
C LEU B 182 -0.09 8.52 1.93
N ILE B 183 0.08 7.27 1.38
CA ILE B 183 -1.04 6.76 0.57
C ILE B 183 -2.24 6.43 1.48
N PHE B 184 -2.11 6.31 2.79
CA PHE B 184 -3.25 6.06 3.71
C PHE B 184 -3.86 7.37 4.19
N PRO B 185 -5.17 7.39 4.47
CA PRO B 185 -5.81 8.65 4.96
C PRO B 185 -4.96 9.19 6.06
N HIS B 186 -4.52 10.39 6.01
CA HIS B 186 -3.65 10.87 7.12
C HIS B 186 -3.71 12.37 7.17
N GLN B 187 -3.11 12.90 8.20
CA GLN B 187 -3.13 14.47 8.34
C GLN B 187 -1.90 14.78 9.12
N PHE B 188 -1.21 15.88 9.03
CA PHE B 188 0.04 16.19 9.77
C PHE B 188 -0.35 17.10 10.92
N ILE B 189 0.38 17.19 11.97
CA ILE B 189 0.16 18.21 13.04
C ILE B 189 1.49 19.02 13.00
N ASN B 190 1.56 20.13 12.41
CA ASN B 190 2.90 20.91 12.30
C ASN B 190 2.71 22.08 13.27
N LEU B 191 3.46 22.05 14.37
CA LEU B 191 3.24 22.99 15.47
C LEU B 191 3.01 24.36 14.92
N ARG B 192 3.70 24.70 13.86
CA ARG B 192 3.57 26.03 13.28
C ARG B 192 2.24 26.27 12.62
N THR B 193 1.39 25.32 12.32
CA THR B 193 0.18 25.45 11.58
C THR B 193 -1.05 25.08 12.34
N ASN B 194 -1.22 23.90 12.64
CA ASN B 194 -1.99 22.91 13.21
C ASN B 194 -1.88 22.62 14.66
N ASN B 195 -2.84 22.16 15.41
CA ASN B 195 -2.65 21.74 16.83
C ASN B 195 -3.44 20.45 17.02
N THR B 196 -4.33 20.12 16.11
CA THR B 196 -5.05 18.84 16.13
C THR B 196 -5.06 18.27 14.74
N ALA B 197 -5.47 17.03 14.63
CA ALA B 197 -5.67 16.20 13.43
C ALA B 197 -6.99 15.48 13.67
N THR B 198 -7.88 15.40 12.72
CA THR B 198 -9.15 14.68 12.88
C THR B 198 -9.38 13.83 11.64
N ILE B 199 -9.65 12.57 11.84
CA ILE B 199 -9.91 11.65 10.72
C ILE B 199 -11.20 10.93 11.00
N VAL B 200 -12.12 10.84 10.08
CA VAL B 200 -13.40 10.06 10.25
C VAL B 200 -13.16 8.76 9.52
N ILE B 201 -13.34 7.64 10.18
CA ILE B 201 -13.09 6.30 9.62
C ILE B 201 -14.40 5.54 9.42
N PRO B 202 -14.72 5.23 8.17
CA PRO B 202 -15.87 4.40 7.83
C PRO B 202 -15.48 2.96 8.14
N TYR B 203 -16.31 2.04 8.31
CA TYR B 203 -16.00 0.64 8.59
C TYR B 203 -15.42 -0.03 7.38
N ILE B 204 -14.23 -0.55 7.33
CA ILE B 204 -13.62 -1.15 6.11
C ILE B 204 -13.32 -2.60 6.33
N ASN B 205 -13.96 -3.53 5.76
CA ASN B 205 -13.70 -4.98 5.96
C ASN B 205 -14.14 -5.74 4.73
N SER B 206 -13.78 -7.02 4.60
CA SER B 206 -14.13 -7.88 3.49
C SER B 206 -15.35 -8.74 3.88
N VAL B 207 -15.83 -8.55 5.08
CA VAL B 207 -17.07 -9.18 5.55
C VAL B 207 -17.96 -8.10 6.15
N PRO B 208 -19.27 -8.33 6.17
CA PRO B 208 -20.19 -7.28 6.59
C PRO B 208 -20.12 -6.87 8.04
N ILE B 209 -19.70 -7.74 8.88
CA ILE B 209 -19.59 -7.60 10.34
C ILE B 209 -18.58 -8.71 10.74
N ASP B 210 -17.88 -8.48 11.79
CA ASP B 210 -16.80 -9.39 12.18
C ASP B 210 -16.71 -9.52 13.66
N SER B 211 -15.72 -10.20 14.15
CA SER B 211 -15.51 -10.29 15.61
C SER B 211 -14.74 -9.11 16.08
N MET B 212 -15.05 -8.50 17.20
CA MET B 212 -14.28 -7.31 17.61
C MET B 212 -13.06 -7.69 18.36
N THR B 213 -12.91 -8.92 18.77
CA THR B 213 -11.75 -9.28 19.60
C THR B 213 -10.78 -10.00 18.79
N ARG B 214 -11.06 -10.85 17.86
CA ARG B 214 -9.94 -11.56 17.16
C ARG B 214 -9.41 -10.75 16.03
N HIS B 215 -9.99 -9.63 15.70
CA HIS B 215 -9.43 -8.89 14.51
C HIS B 215 -9.54 -7.39 14.66
N ASN B 216 -8.47 -6.66 14.55
CA ASN B 216 -8.50 -5.20 14.68
C ASN B 216 -8.56 -4.72 13.23
N ASN B 217 -9.31 -3.68 12.93
CA ASN B 217 -9.44 -3.35 11.50
C ASN B 217 -8.72 -2.10 11.19
N VAL B 218 -8.15 -1.33 12.07
CA VAL B 218 -7.29 -0.18 11.67
C VAL B 218 -6.24 -0.01 12.80
N SER B 219 -5.13 0.48 12.41
CA SER B 219 -4.16 0.92 13.51
C SER B 219 -4.12 2.44 13.26
N LEU B 220 -4.17 3.19 14.29
CA LEU B 220 -3.99 4.65 14.24
C LEU B 220 -2.51 4.81 14.56
N MET B 221 -1.75 5.59 13.92
CA MET B 221 -0.31 5.71 14.22
C MET B 221 0.04 7.17 14.33
N VAL B 222 0.69 7.61 15.37
CA VAL B 222 1.13 9.06 15.47
C VAL B 222 2.67 8.95 15.44
N ILE B 223 3.35 9.54 14.50
CA ILE B 223 4.83 9.44 14.37
C ILE B 223 5.50 10.75 14.29
N PRO B 224 6.39 11.12 15.20
CA PRO B 224 7.12 12.43 15.02
C PRO B 224 7.94 12.30 13.76
N ILE B 225 7.98 13.19 12.86
CA ILE B 225 8.79 13.17 11.64
C ILE B 225 9.79 14.32 11.70
N ALA B 226 9.36 15.55 11.89
CA ALA B 226 10.34 16.63 12.12
C ALA B 226 10.35 16.64 13.69
N PRO B 227 11.51 16.34 14.22
CA PRO B 227 11.76 16.28 15.66
C PRO B 227 11.23 17.49 16.40
N LEU B 228 10.87 17.24 17.65
CA LEU B 228 10.34 18.38 18.49
C LEU B 228 11.50 19.29 18.80
N THR B 229 11.34 20.56 18.63
CA THR B 229 12.43 21.52 19.01
C THR B 229 11.87 22.59 19.87
N VAL B 230 12.16 22.59 21.18
CA VAL B 230 11.53 23.65 22.02
C VAL B 230 12.39 24.90 22.08
N PRO B 231 11.72 26.00 22.39
CA PRO B 231 12.44 27.29 22.57
C PRO B 231 13.45 27.07 23.70
N THR B 232 14.41 27.94 23.74
CA THR B 232 15.51 27.94 24.65
C THR B 232 15.08 27.95 26.11
N GLY B 233 15.73 26.91 26.72
CA GLY B 233 15.39 26.70 28.17
C GLY B 233 13.91 26.41 28.37
N ALA B 234 13.26 25.87 27.36
CA ALA B 234 11.87 25.43 27.54
C ALA B 234 12.01 24.00 28.04
N THR B 235 11.00 23.47 28.67
CA THR B 235 11.04 22.05 28.93
C THR B 235 11.05 21.31 27.58
N PRO B 236 11.86 20.39 27.52
CA PRO B 236 11.99 19.66 26.22
C PRO B 236 10.91 18.66 26.01
N SER B 237 9.66 18.89 26.29
CA SER B 237 8.67 17.84 25.82
C SER B 237 7.29 18.42 25.75
N LEU B 238 6.38 17.78 25.03
CA LEU B 238 4.94 18.18 24.91
C LEU B 238 4.10 16.95 25.10
N PRO B 239 2.95 16.97 25.69
CA PRO B 239 2.06 15.74 25.77
C PRO B 239 1.31 15.64 24.47
N ILE B 240 0.97 14.50 24.03
CA ILE B 240 0.08 14.30 22.83
C ILE B 240 -1.17 13.62 23.38
N THR B 241 -2.38 14.02 23.16
CA THR B 241 -3.55 13.26 23.65
C THR B 241 -4.36 12.67 22.55
N VAL B 242 -4.86 11.47 22.64
CA VAL B 242 -5.71 10.92 21.52
C VAL B 242 -7.13 10.77 22.03
N THR B 243 -8.16 11.38 21.48
CA THR B 243 -9.59 11.14 21.90
C THR B 243 -10.27 10.46 20.75
N ILE B 244 -10.95 9.40 20.88
CA ILE B 244 -11.63 8.62 19.82
C ILE B 244 -13.08 8.31 20.13
N ALA B 245 -13.98 8.45 19.15
CA ALA B 245 -15.42 8.15 19.38
C ALA B 245 -15.96 7.14 18.43
N PRO B 246 -16.44 6.03 18.87
CA PRO B 246 -17.13 5.06 17.97
C PRO B 246 -18.31 5.83 17.36
N MET B 247 -18.60 5.46 16.11
CA MET B 247 -19.77 6.13 15.42
C MET B 247 -20.39 5.07 14.52
N CYS B 248 -21.71 5.14 14.50
CA CYS B 248 -22.63 4.19 13.93
C CYS B 248 -22.35 2.77 14.45
N THR B 249 -22.11 2.51 15.65
CA THR B 249 -21.81 1.17 16.16
C THR B 249 -22.99 0.27 16.18
N GLU B 250 -22.79 -0.98 15.81
CA GLU B 250 -23.86 -2.01 15.85
C GLU B 250 -23.24 -3.31 16.43
N PHE B 251 -23.99 -3.94 17.29
CA PHE B 251 -23.50 -5.21 17.88
C PHE B 251 -24.52 -6.26 17.52
N SER B 252 -24.10 -7.46 17.36
CA SER B 252 -25.03 -8.56 17.03
C SER B 252 -24.52 -9.87 17.56
N GLY B 253 -25.47 -10.77 17.87
CA GLY B 253 -25.12 -12.12 18.40
C GLY B 253 -24.68 -12.04 19.84
N ILE B 254 -25.59 -11.68 20.73
CA ILE B 254 -25.38 -11.50 22.14
C ILE B 254 -25.44 -12.86 22.84
N ARG B 255 -24.67 -12.91 23.89
CA ARG B 255 -24.52 -14.16 24.66
C ARG B 255 -23.73 -13.98 25.94
N SER B 256 -22.83 -14.92 26.10
CA SER B 256 -22.18 -15.12 27.35
C SER B 256 -21.06 -14.19 27.55
N LYS B 257 -20.35 -13.59 26.72
CA LYS B 257 -19.21 -12.69 27.24
C LYS B 257 -17.84 -13.36 27.06
N SER B 258 -17.13 -12.96 26.04
CA SER B 258 -15.89 -13.51 25.61
C SER B 258 -14.86 -13.40 26.74
N ILE B 259 -14.01 -14.42 26.69
CA ILE B 259 -12.81 -14.42 27.65
C ILE B 259 -11.56 -14.36 26.79
N VAL B 260 -10.73 -13.36 26.92
CA VAL B 260 -9.61 -13.37 25.85
C VAL B 260 -8.32 -13.47 26.60
N PRO B 261 -7.30 -14.04 25.94
CA PRO B 261 -6.01 -14.12 26.51
C PRO B 261 -5.59 -12.82 27.19
N GLN B 262 -4.93 -13.15 28.31
CA GLN B 262 -4.16 -12.36 29.23
C GLN B 262 -5.01 -11.35 29.95
N GLY C 1 -17.40 -33.00 -40.72
CA GLY C 1 -15.96 -32.39 -40.55
C GLY C 1 -15.37 -31.24 -41.27
N LEU C 2 -15.29 -29.99 -40.75
CA LEU C 2 -14.80 -28.80 -41.44
C LEU C 2 -13.33 -28.69 -41.63
N PRO C 3 -12.76 -28.52 -42.83
CA PRO C 3 -11.30 -28.50 -43.06
C PRO C 3 -10.59 -27.33 -42.45
N THR C 4 -9.52 -27.48 -41.71
CA THR C 4 -8.73 -26.47 -41.06
C THR C 4 -7.25 -26.63 -41.42
N THR C 5 -6.47 -25.62 -41.12
CA THR C 5 -5.03 -25.56 -41.27
C THR C 5 -4.37 -24.98 -40.03
N THR C 6 -3.40 -25.53 -39.35
CA THR C 6 -2.97 -24.75 -38.10
C THR C 6 -1.84 -23.87 -38.40
N LEU C 7 -1.75 -22.69 -37.78
CA LEU C 7 -0.64 -21.73 -38.15
C LEU C 7 0.54 -21.87 -37.15
N PRO C 8 1.62 -21.22 -37.56
CA PRO C 8 2.79 -21.12 -36.69
C PRO C 8 2.28 -20.54 -35.38
N GLY C 9 2.71 -21.00 -34.25
CA GLY C 9 2.34 -20.46 -32.92
C GLY C 9 1.35 -21.39 -32.23
N SER C 10 0.80 -22.32 -33.02
CA SER C 10 -0.14 -23.26 -32.37
C SER C 10 0.58 -23.92 -31.19
N GLY C 11 -0.18 -24.21 -30.18
CA GLY C 11 0.29 -24.76 -28.96
C GLY C 11 1.14 -23.85 -28.14
N GLN C 12 1.49 -22.67 -28.49
CA GLN C 12 2.39 -21.87 -27.59
C GLN C 12 1.63 -21.37 -26.40
N PHE C 13 2.26 -21.04 -25.33
CA PHE C 13 1.65 -20.38 -24.11
C PHE C 13 2.28 -18.98 -23.97
N LEU C 14 1.54 -17.95 -24.20
CA LEU C 14 2.08 -16.56 -24.14
C LEU C 14 1.54 -15.97 -22.86
N THR C 15 2.29 -15.62 -21.84
CA THR C 15 1.69 -15.26 -20.55
C THR C 15 0.76 -14.09 -20.66
N THR C 16 0.71 -13.36 -21.72
CA THR C 16 -0.04 -12.13 -21.95
C THR C 16 -1.23 -12.17 -22.82
N ASP C 17 -1.62 -13.34 -23.34
CA ASP C 17 -2.72 -13.56 -24.23
C ASP C 17 -3.99 -13.57 -23.37
N ASP C 18 -5.17 -13.39 -23.90
CA ASP C 18 -6.40 -13.36 -23.06
C ASP C 18 -7.51 -14.13 -23.73
N ARG C 19 -7.73 -15.35 -23.33
CA ARG C 19 -8.73 -16.21 -23.97
C ARG C 19 -9.65 -16.88 -22.94
N GLN C 20 -10.62 -17.64 -23.49
CA GLN C 20 -11.58 -18.35 -22.60
C GLN C 20 -11.03 -19.71 -22.19
N SER C 21 -11.44 -20.28 -21.12
CA SER C 21 -11.05 -21.53 -20.57
C SER C 21 -12.24 -22.19 -19.94
N PRO C 22 -12.21 -23.49 -19.92
CA PRO C 22 -13.31 -24.20 -19.16
C PRO C 22 -13.20 -23.90 -17.66
N SER C 23 -14.32 -23.73 -16.96
CA SER C 23 -14.28 -23.58 -15.50
C SER C 23 -14.16 -24.97 -14.85
N ALA C 24 -13.22 -25.16 -13.94
CA ALA C 24 -13.06 -26.40 -13.20
C ALA C 24 -14.23 -26.64 -12.24
N LEU C 25 -14.84 -25.67 -11.70
CA LEU C 25 -15.95 -25.65 -10.81
C LEU C 25 -17.24 -25.17 -11.52
N PRO C 26 -17.80 -26.05 -12.31
CA PRO C 26 -19.03 -25.73 -13.03
C PRO C 26 -20.11 -25.53 -11.96
N ASN C 27 -20.80 -24.46 -12.17
CA ASN C 27 -21.95 -24.03 -11.46
C ASN C 27 -21.92 -23.47 -10.06
N TYR C 28 -20.76 -23.22 -9.63
CA TYR C 28 -20.41 -22.71 -8.31
C TYR C 28 -20.83 -21.27 -8.19
N GLU C 29 -21.32 -20.84 -7.11
CA GLU C 29 -21.77 -19.51 -6.86
C GLU C 29 -20.94 -18.71 -5.95
N PRO C 30 -20.23 -17.71 -6.45
CA PRO C 30 -19.28 -16.93 -5.60
C PRO C 30 -19.96 -16.13 -4.52
N THR C 31 -19.28 -15.78 -3.43
CA THR C 31 -19.86 -14.96 -2.38
C THR C 31 -20.24 -13.61 -2.93
N PRO C 32 -21.38 -13.10 -2.48
CA PRO C 32 -21.90 -11.79 -2.94
C PRO C 32 -20.89 -10.71 -2.71
N ARG C 33 -20.82 -9.66 -3.48
CA ARG C 33 -19.83 -8.57 -3.12
C ARG C 33 -20.48 -7.66 -2.08
N ILE C 34 -19.83 -7.13 -1.10
CA ILE C 34 -20.51 -6.13 -0.21
C ILE C 34 -19.79 -4.84 -0.58
N HIS C 35 -20.08 -3.73 -0.02
CA HIS C 35 -19.42 -2.46 -0.44
C HIS C 35 -18.15 -2.26 0.33
N ILE C 36 -17.08 -1.82 -0.19
CA ILE C 36 -15.84 -1.62 0.69
C ILE C 36 -15.38 -0.26 0.24
N PRO C 37 -15.12 0.72 1.03
CA PRO C 37 -14.60 2.02 0.56
C PRO C 37 -13.25 1.79 -0.08
N GLY C 38 -12.69 2.67 -0.87
CA GLY C 38 -11.40 2.59 -1.41
C GLY C 38 -11.08 1.92 -2.64
N LYS C 39 -11.96 1.62 -3.58
CA LYS C 39 -11.65 0.83 -4.81
C LYS C 39 -10.70 1.60 -5.69
N VAL C 40 -9.71 0.87 -6.22
CA VAL C 40 -8.70 1.46 -7.15
C VAL C 40 -9.00 0.99 -8.54
N HIS C 41 -8.98 1.80 -9.58
CA HIS C 41 -9.19 1.26 -10.89
C HIS C 41 -7.93 1.36 -11.72
N ASN C 42 -7.19 2.41 -11.66
CA ASN C 42 -6.01 2.62 -12.48
C ASN C 42 -4.82 2.91 -11.61
N LEU C 43 -3.65 2.48 -11.98
CA LEU C 43 -2.47 2.87 -11.14
C LEU C 43 -2.32 4.40 -11.30
N LEU C 44 -2.92 4.96 -12.33
CA LEU C 44 -2.80 6.43 -12.57
C LEU C 44 -3.59 7.11 -11.47
N GLU C 45 -4.54 6.41 -10.84
CA GLU C 45 -5.29 7.12 -9.79
C GLU C 45 -4.40 7.37 -8.59
N ILE C 46 -3.63 6.35 -8.22
CA ILE C 46 -2.82 6.45 -7.02
C ILE C 46 -1.55 7.23 -7.17
N ILE C 47 -0.84 7.26 -8.29
CA ILE C 47 0.41 8.04 -8.37
C ILE C 47 0.15 9.54 -8.29
N GLN C 48 -1.09 10.00 -8.16
CA GLN C 48 -1.36 11.43 -7.96
C GLN C 48 -1.43 11.77 -6.50
N VAL C 49 -1.43 10.82 -5.61
CA VAL C 49 -1.33 11.11 -4.14
C VAL C 49 0.14 11.39 -3.83
N ASP C 50 0.46 12.46 -3.12
CA ASP C 50 1.92 12.72 -2.92
C ASP C 50 2.40 11.92 -1.70
N THR C 51 3.65 11.57 -1.77
CA THR C 51 4.40 10.87 -0.72
C THR C 51 5.75 11.56 -0.58
N LEU C 52 6.36 11.40 0.56
CA LEU C 52 7.60 12.00 0.98
C LEU C 52 8.78 11.42 0.21
N ILE C 53 9.76 12.21 -0.13
CA ILE C 53 11.01 11.84 -0.79
C ILE C 53 12.17 11.82 0.19
N PRO C 54 12.88 10.73 0.32
CA PRO C 54 14.06 10.73 1.25
C PRO C 54 15.13 11.55 0.56
N MET C 55 15.04 12.86 0.49
CA MET C 55 15.94 13.71 -0.21
C MET C 55 17.34 13.77 0.39
N ASN C 56 17.41 13.74 1.69
CA ASN C 56 18.57 13.76 2.52
C ASN C 56 19.26 12.40 2.68
N ASN C 57 19.26 11.60 1.65
CA ASN C 57 19.99 10.47 1.38
C ASN C 57 21.42 10.23 1.86
N THR C 58 22.07 11.12 2.44
CA THR C 58 23.40 11.17 2.90
C THR C 58 23.66 10.31 4.07
N HIS C 59 22.66 9.72 4.66
CA HIS C 59 22.99 8.81 5.79
C HIS C 59 23.55 7.50 5.26
N THR C 60 23.88 6.69 6.26
CA THR C 60 24.48 5.40 6.05
C THR C 60 23.66 4.20 6.35
N LYS C 61 22.54 4.35 6.99
CA LYS C 61 21.57 3.22 7.20
C LYS C 61 20.21 3.91 7.04
N ASP C 62 19.12 3.32 6.65
CA ASP C 62 17.87 4.07 6.41
C ASP C 62 17.41 4.72 7.74
N GLU C 63 17.12 5.97 7.72
CA GLU C 63 16.64 6.67 8.94
C GLU C 63 15.63 7.74 8.63
N VAL C 64 14.80 8.09 9.63
CA VAL C 64 13.71 9.05 9.47
C VAL C 64 14.27 10.39 9.06
N ASN C 65 15.52 10.50 9.00
CA ASN C 65 16.22 11.75 8.94
C ASN C 65 16.60 12.11 7.58
N SER C 66 16.33 11.10 6.76
CA SER C 66 16.77 11.32 5.31
C SER C 66 15.56 11.85 4.58
N TYR C 67 14.47 12.03 5.37
CA TYR C 67 13.27 12.67 4.84
C TYR C 67 13.38 14.16 5.17
N LEU C 68 14.28 14.54 6.06
CA LEU C 68 14.39 15.93 6.49
C LEU C 68 15.48 16.69 5.76
N ILE C 69 15.13 17.74 5.03
CA ILE C 69 16.09 18.66 4.37
C ILE C 69 16.38 19.76 5.36
N PRO C 70 17.59 19.92 5.82
CA PRO C 70 17.85 20.94 6.89
C PRO C 70 18.04 22.29 6.25
N LEU C 71 17.77 23.31 7.03
CA LEU C 71 17.89 24.72 6.64
C LEU C 71 18.72 25.40 7.75
N ASN C 72 19.63 26.27 7.40
CA ASN C 72 20.47 27.01 8.34
C ASN C 72 20.09 28.43 8.48
N ALA C 73 19.91 29.02 9.67
CA ALA C 73 19.56 30.48 9.77
C ALA C 73 20.69 31.37 9.28
N ASN C 74 20.34 32.57 8.91
CA ASN C 74 21.28 33.48 8.36
C ASN C 74 22.19 33.06 7.26
N ARG C 75 22.02 32.09 6.45
CA ARG C 75 22.95 31.95 5.25
C ARG C 75 22.26 32.73 4.09
N GLN C 76 22.97 33.27 3.22
CA GLN C 76 22.52 34.12 2.09
C GLN C 76 22.89 33.42 0.81
N ASN C 77 22.50 33.78 -0.36
CA ASN C 77 22.91 33.23 -1.62
C ASN C 77 23.11 31.78 -1.72
N GLU C 78 23.20 30.91 -0.82
CA GLU C 78 23.63 29.49 -0.87
C GLU C 78 22.70 28.44 -1.30
N GLN C 79 23.09 27.18 -1.47
CA GLN C 79 22.22 26.14 -2.03
C GLN C 79 21.69 25.16 -1.03
N VAL C 80 20.36 24.94 -0.98
CA VAL C 80 19.71 24.04 -0.04
C VAL C 80 19.79 22.58 -0.42
N PHE C 81 19.64 22.18 -1.62
CA PHE C 81 19.70 20.73 -2.01
C PHE C 81 19.80 20.65 -3.52
N GLY C 82 20.03 19.51 -4.10
CA GLY C 82 20.14 19.39 -5.59
C GLY C 82 19.84 17.91 -5.84
N THR C 83 19.38 17.56 -6.96
CA THR C 83 19.12 16.21 -7.40
C THR C 83 18.86 16.17 -8.91
N ASN C 84 19.18 15.07 -9.55
CA ASN C 84 18.75 15.04 -11.01
C ASN C 84 17.30 14.53 -11.01
N LEU C 85 16.71 14.44 -12.18
CA LEU C 85 15.30 13.96 -12.16
C LEU C 85 15.23 12.60 -12.82
N PHE C 86 15.92 11.64 -12.28
CA PHE C 86 15.74 10.24 -12.85
C PHE C 86 14.72 9.67 -11.85
N ILE C 87 13.44 9.83 -12.18
CA ILE C 87 12.40 9.35 -11.29
C ILE C 87 12.47 7.88 -11.01
N GLY C 88 13.19 7.10 -11.80
CA GLY C 88 13.24 5.66 -11.48
C GLY C 88 14.45 5.27 -10.66
N ASP C 89 15.18 6.18 -10.11
CA ASP C 89 16.39 5.90 -9.41
C ASP C 89 16.71 6.85 -8.34
N GLY C 90 17.77 6.62 -7.53
CA GLY C 90 18.14 7.72 -6.61
C GLY C 90 17.14 8.16 -5.63
N VAL C 91 16.95 9.42 -5.27
CA VAL C 91 15.95 9.78 -4.22
C VAL C 91 14.55 9.27 -4.52
N PHE C 92 14.06 9.43 -5.72
CA PHE C 92 12.74 9.10 -6.18
C PHE C 92 12.37 7.66 -6.08
N LYS C 93 13.36 6.84 -6.16
CA LYS C 93 13.16 5.39 -6.34
C LYS C 93 12.32 4.67 -5.35
N THR C 94 12.20 5.02 -4.11
CA THR C 94 11.47 4.31 -3.06
C THR C 94 10.12 4.96 -2.81
N THR C 95 9.94 6.13 -3.39
CA THR C 95 8.66 6.83 -3.25
C THR C 95 7.61 6.02 -4.01
N LEU C 96 6.34 6.23 -3.71
CA LEU C 96 5.26 5.51 -4.42
C LEU C 96 5.32 5.75 -5.92
N LEU C 97 5.61 6.99 -6.30
CA LEU C 97 5.73 7.36 -7.69
C LEU C 97 6.88 6.55 -8.31
N GLY C 98 8.00 6.66 -7.66
CA GLY C 98 9.20 5.96 -8.17
C GLY C 98 8.95 4.48 -8.30
N GLU C 99 8.24 3.97 -7.34
CA GLU C 99 7.96 2.54 -7.13
C GLU C 99 7.05 2.02 -8.19
N ILE C 100 6.11 2.82 -8.70
CA ILE C 100 5.16 2.42 -9.74
C ILE C 100 5.75 2.62 -11.13
N VAL C 101 6.43 3.69 -11.32
CA VAL C 101 7.12 4.03 -12.57
C VAL C 101 8.00 2.86 -13.00
N GLN C 102 8.52 2.19 -12.02
CA GLN C 102 9.40 1.04 -12.20
C GLN C 102 8.65 -0.14 -12.74
N TYR C 103 7.33 -0.19 -12.67
CA TYR C 103 6.60 -1.30 -13.32
C TYR C 103 6.43 -0.96 -14.78
N TYR C 104 6.83 0.20 -15.24
CA TYR C 104 6.61 0.49 -16.70
C TYR C 104 7.89 0.90 -17.33
N THR C 105 7.99 0.77 -18.65
CA THR C 105 9.19 1.15 -19.35
C THR C 105 9.35 2.59 -19.74
N HIS C 106 8.31 3.28 -20.08
CA HIS C 106 8.29 4.67 -20.57
C HIS C 106 7.41 5.55 -19.73
N TRP C 107 7.71 6.80 -19.55
CA TRP C 107 6.80 7.70 -18.77
C TRP C 107 6.78 9.02 -19.55
N SER C 108 5.78 9.81 -19.41
CA SER C 108 5.75 11.15 -20.01
C SER C 108 4.83 11.97 -19.11
N GLY C 109 4.92 13.29 -19.02
CA GLY C 109 4.02 14.00 -18.15
C GLY C 109 4.62 15.00 -17.21
N SER C 110 3.68 15.73 -16.48
CA SER C 110 4.36 16.71 -15.52
C SER C 110 4.44 16.17 -14.14
N LEU C 111 5.41 16.55 -13.34
CA LEU C 111 5.58 16.06 -11.95
C LEU C 111 5.22 17.20 -11.00
N ARG C 112 4.74 16.80 -9.82
CA ARG C 112 4.48 17.97 -8.90
C ARG C 112 5.38 17.76 -7.73
N PHE C 113 6.29 18.69 -7.47
CA PHE C 113 7.25 18.64 -6.33
C PHE C 113 6.89 19.67 -5.29
N SER C 114 6.50 19.42 -4.12
CA SER C 114 6.13 20.44 -3.12
C SER C 114 7.01 20.32 -1.89
N LEU C 115 7.14 21.35 -1.13
CA LEU C 115 8.01 21.43 0.06
C LEU C 115 7.14 21.93 1.20
N MET C 116 7.06 21.25 2.32
CA MET C 116 6.20 21.85 3.43
C MET C 116 7.17 22.35 4.49
N TYR C 117 7.08 23.57 4.96
CA TYR C 117 8.03 24.12 5.95
C TYR C 117 7.59 23.79 7.37
N THR C 118 8.53 23.40 8.25
CA THR C 118 8.20 23.02 9.62
C THR C 118 8.82 23.88 10.70
N GLY C 119 9.53 24.96 10.36
CA GLY C 119 10.16 25.87 11.36
C GLY C 119 9.18 26.58 12.24
N PRO C 120 9.67 27.12 13.38
CA PRO C 120 8.74 27.88 14.28
C PRO C 120 7.93 28.86 13.43
N ALA C 121 6.69 29.05 13.91
CA ALA C 121 5.82 30.03 13.32
C ALA C 121 6.38 31.46 13.30
N LEU C 122 7.16 31.92 14.23
CA LEU C 122 7.71 33.29 14.28
C LEU C 122 8.99 33.46 13.47
N SER C 123 9.34 32.48 12.63
CA SER C 123 10.52 32.62 11.76
C SER C 123 10.08 33.01 10.36
N SER C 124 10.99 33.23 9.45
CA SER C 124 10.53 33.60 8.07
C SER C 124 11.58 33.19 7.09
N ALA C 125 11.31 33.07 5.84
CA ALA C 125 12.39 32.62 4.90
C ALA C 125 11.87 32.82 3.49
N LYS C 126 12.73 32.99 2.52
CA LYS C 126 12.37 33.05 1.10
C LYS C 126 13.40 32.13 0.38
N LEU C 127 12.88 31.10 -0.26
CA LEU C 127 13.62 30.16 -1.02
C LEU C 127 13.24 30.23 -2.49
N ILE C 128 14.13 29.84 -3.34
CA ILE C 128 13.85 29.73 -4.81
C ILE C 128 13.98 28.26 -5.25
N LEU C 129 13.03 27.67 -5.90
CA LEU C 129 13.20 26.28 -6.38
C LEU C 129 13.40 26.42 -7.91
N ALA C 130 14.29 25.70 -8.49
CA ALA C 130 14.53 25.87 -9.93
C ALA C 130 14.53 24.51 -10.57
N TYR C 131 13.90 24.36 -11.71
CA TYR C 131 13.90 23.18 -12.57
C TYR C 131 14.82 23.50 -13.74
N THR C 132 15.79 22.72 -14.07
CA THR C 132 16.72 23.06 -15.21
C THR C 132 16.43 22.04 -16.30
N PRO C 133 15.92 22.41 -17.43
CA PRO C 133 15.53 21.44 -18.49
C PRO C 133 16.78 20.84 -19.11
N PRO C 134 16.63 19.70 -19.68
CA PRO C 134 17.75 18.86 -20.18
C PRO C 134 18.62 19.66 -21.06
N GLY C 135 19.95 19.45 -21.04
CA GLY C 135 20.76 20.25 -21.98
C GLY C 135 21.76 21.10 -21.32
N ALA C 136 21.54 21.48 -20.12
CA ALA C 136 22.52 22.31 -19.32
C ALA C 136 22.97 21.48 -18.14
N ARG C 137 23.97 21.84 -17.39
CA ARG C 137 24.42 21.11 -16.20
C ARG C 137 23.57 21.47 -14.99
N GLY C 138 23.73 20.69 -13.94
CA GLY C 138 22.98 21.10 -12.66
C GLY C 138 23.57 22.51 -12.39
N PRO C 139 22.70 23.45 -12.07
CA PRO C 139 23.15 24.84 -11.82
C PRO C 139 24.13 24.79 -10.64
N GLN C 140 25.08 25.65 -10.71
CA GLN C 140 26.10 25.85 -9.75
C GLN C 140 25.96 27.03 -8.83
N ASP C 141 25.10 27.92 -9.01
CA ASP C 141 24.83 29.09 -8.15
C ASP C 141 23.44 29.56 -8.60
N ARG C 142 22.79 30.30 -7.77
CA ARG C 142 21.38 30.75 -7.99
C ARG C 142 21.31 31.52 -9.27
N ARG C 143 22.43 32.16 -9.65
CA ARG C 143 22.24 33.05 -10.84
C ARG C 143 21.95 32.07 -11.98
N GLU C 144 22.76 31.06 -11.92
CA GLU C 144 22.61 30.07 -12.99
C GLU C 144 21.25 29.44 -12.87
N ALA C 145 20.84 29.19 -11.63
CA ALA C 145 19.58 28.43 -11.40
C ALA C 145 18.36 29.24 -11.80
N MET C 146 18.37 30.49 -11.48
CA MET C 146 17.20 31.38 -11.65
C MET C 146 16.90 31.58 -13.11
N LEU C 147 17.71 31.23 -14.09
CA LEU C 147 17.39 31.46 -15.51
C LEU C 147 16.50 30.36 -16.13
N GLY C 148 16.05 29.40 -15.41
CA GLY C 148 15.24 28.27 -15.85
C GLY C 148 13.99 28.34 -14.97
N THR C 149 13.17 27.30 -15.06
CA THR C 149 11.87 27.23 -14.38
C THR C 149 12.08 27.41 -12.91
N HIS C 150 11.43 28.37 -12.32
CA HIS C 150 11.72 28.58 -10.85
C HIS C 150 10.53 29.19 -10.18
N VAL C 151 10.37 29.18 -8.88
CA VAL C 151 9.31 29.76 -8.09
C VAL C 151 9.93 30.44 -6.86
N VAL C 152 9.77 31.70 -6.61
CA VAL C 152 10.28 32.24 -5.30
C VAL C 152 9.23 31.84 -4.28
N TRP C 153 9.56 31.11 -3.29
CA TRP C 153 8.59 30.64 -2.27
C TRP C 153 8.60 31.54 -1.07
N ASP C 154 7.56 32.11 -0.59
CA ASP C 154 7.71 33.03 0.61
C ASP C 154 7.09 32.22 1.73
N ILE C 155 7.81 31.90 2.74
CA ILE C 155 7.30 31.01 3.87
C ILE C 155 6.34 31.79 4.66
N GLY C 156 5.09 31.28 4.75
CA GLY C 156 4.08 32.03 5.48
C GLY C 156 3.12 31.09 6.18
N LEU C 157 1.94 31.65 6.32
CA LEU C 157 0.83 30.97 6.95
C LEU C 157 0.54 29.69 6.21
N GLN C 158 0.41 29.81 4.97
CA GLN C 158 0.35 28.70 3.97
C GLN C 158 1.72 28.04 3.97
N SER C 159 1.66 26.80 4.51
CA SER C 159 2.87 26.06 4.84
C SER C 159 3.58 25.40 3.71
N THR C 160 2.90 24.93 2.66
CA THR C 160 3.48 24.23 1.52
C THR C 160 3.48 25.00 0.25
N ILE C 161 4.39 24.77 -0.64
CA ILE C 161 4.56 25.32 -1.92
C ILE C 161 4.62 24.12 -2.91
N VAL C 162 3.90 24.19 -3.96
CA VAL C 162 3.82 23.18 -4.97
C VAL C 162 4.48 23.63 -6.24
N MET C 163 5.62 23.13 -6.57
CA MET C 163 6.32 23.42 -7.79
C MET C 163 5.94 22.36 -8.81
N THR C 164 5.75 22.70 -10.01
CA THR C 164 5.42 21.66 -11.09
C THR C 164 6.58 21.52 -11.95
N ILE C 165 7.06 20.38 -12.31
CA ILE C 165 8.20 20.31 -13.35
C ILE C 165 7.46 20.11 -14.64
N PRO C 166 7.15 21.16 -15.37
CA PRO C 166 6.36 20.97 -16.62
C PRO C 166 7.07 20.09 -17.58
N TRP C 167 6.38 19.24 -18.32
CA TRP C 167 7.02 18.35 -19.32
C TRP C 167 7.74 19.18 -20.42
N THR C 168 9.06 19.22 -20.32
CA THR C 168 9.91 19.83 -21.33
C THR C 168 10.66 18.77 -22.10
N SER C 169 10.27 18.51 -23.34
CA SER C 169 10.90 17.41 -24.05
C SER C 169 10.76 17.43 -25.52
N GLY C 170 11.77 16.93 -26.21
CA GLY C 170 11.72 16.80 -27.69
C GLY C 170 10.82 15.52 -27.90
N VAL C 171 11.42 14.40 -27.64
CA VAL C 171 10.87 13.04 -27.68
C VAL C 171 9.69 13.03 -26.70
N GLN C 172 8.61 12.41 -27.08
CA GLN C 172 7.39 12.40 -26.22
C GLN C 172 7.39 11.40 -25.16
N PHE C 173 8.33 10.53 -25.04
CA PHE C 173 8.43 9.59 -23.89
C PHE C 173 9.89 9.50 -23.49
N ARG C 174 10.10 9.25 -22.27
CA ARG C 174 11.44 9.03 -21.68
C ARG C 174 11.44 7.65 -21.08
N TYR C 175 12.60 7.13 -20.91
CA TYR C 175 12.73 5.81 -20.19
C TYR C 175 12.65 5.96 -18.69
N THR C 176 12.00 5.05 -17.94
CA THR C 176 12.00 5.19 -16.46
C THR C 176 13.36 4.80 -15.91
N ASP C 177 13.97 3.84 -16.49
CA ASP C 177 15.38 3.45 -16.05
C ASP C 177 16.27 4.51 -16.63
N PRO C 178 17.22 5.02 -15.90
CA PRO C 178 17.94 6.27 -16.33
C PRO C 178 18.62 6.03 -17.63
N ASP C 179 18.39 7.00 -18.50
CA ASP C 179 19.00 6.98 -19.86
C ASP C 179 19.37 8.40 -20.28
N THR C 180 20.45 8.58 -20.99
CA THR C 180 20.94 9.90 -21.30
C THR C 180 20.11 10.72 -22.25
N TYR C 181 19.88 10.13 -23.40
CA TYR C 181 19.23 10.83 -24.51
C TYR C 181 17.90 11.40 -23.99
N THR C 182 17.27 10.51 -23.27
CA THR C 182 16.03 10.61 -22.57
C THR C 182 16.11 11.26 -21.24
N SER C 183 17.11 12.07 -20.91
CA SER C 183 17.20 12.54 -19.48
C SER C 183 16.37 13.73 -19.19
N ALA C 184 15.85 14.00 -18.00
CA ALA C 184 14.97 15.09 -17.76
C ALA C 184 15.39 16.35 -17.13
N GLY C 185 16.61 16.58 -16.74
CA GLY C 185 17.00 17.84 -16.04
C GLY C 185 17.44 17.69 -14.60
N PHE C 186 17.46 18.78 -13.88
CA PHE C 186 17.85 18.88 -12.54
C PHE C 186 16.86 19.74 -11.77
N LEU C 187 16.90 19.52 -10.48
CA LEU C 187 16.00 20.36 -9.58
C LEU C 187 16.88 20.94 -8.52
N SER C 188 17.00 22.19 -8.26
CA SER C 188 17.86 22.69 -7.17
C SER C 188 17.06 23.65 -6.32
N CYS C 189 17.55 24.09 -5.16
CA CYS C 189 16.79 25.04 -4.28
C CYS C 189 17.85 25.89 -3.56
N TRP C 190 17.70 27.19 -3.43
CA TRP C 190 18.69 28.11 -2.86
C TRP C 190 18.05 29.08 -1.96
N TYR C 191 18.73 29.72 -1.05
CA TYR C 191 18.12 30.81 -0.24
C TYR C 191 17.87 32.00 -1.15
N GLN C 192 16.72 32.61 -1.09
CA GLN C 192 16.39 33.77 -1.97
C GLN C 192 16.77 35.01 -1.16
N THR C 193 16.42 34.94 0.09
CA THR C 193 16.92 35.95 1.04
C THR C 193 17.58 35.08 2.13
N SER C 194 16.86 34.55 3.06
CA SER C 194 17.58 33.66 4.05
C SER C 194 16.68 33.28 5.14
N LEU C 195 16.88 32.19 5.90
CA LEU C 195 15.94 31.82 6.99
C LEU C 195 16.25 32.71 8.20
N ILE C 196 15.31 33.18 8.94
CA ILE C 196 15.59 34.08 10.12
C ILE C 196 14.90 33.54 11.32
N LEU C 197 15.50 33.15 12.42
CA LEU C 197 14.68 32.51 13.53
C LEU C 197 14.32 33.58 14.52
N PRO C 198 13.22 33.44 15.23
CA PRO C 198 12.90 34.45 16.28
C PRO C 198 13.84 34.27 17.43
N PRO C 199 13.89 35.23 18.32
CA PRO C 199 14.63 35.14 19.57
C PRO C 199 14.27 33.87 20.33
N GLU C 200 15.17 33.45 21.20
CA GLU C 200 14.90 32.33 22.12
C GLU C 200 14.80 31.06 21.34
N THR C 201 15.21 31.08 20.11
CA THR C 201 15.09 29.89 19.24
C THR C 201 16.39 29.53 18.64
N THR C 202 16.60 28.25 18.37
CA THR C 202 17.93 27.94 17.76
C THR C 202 18.09 26.68 17.00
N GLY C 203 19.18 26.68 16.18
CA GLY C 203 19.40 25.45 15.42
C GLY C 203 18.85 25.35 14.04
N GLN C 204 18.72 24.10 13.57
CA GLN C 204 18.27 23.83 12.20
C GLN C 204 16.76 23.70 12.13
N VAL C 205 16.21 24.09 11.02
CA VAL C 205 14.71 23.84 10.84
C VAL C 205 14.69 22.89 9.65
N TYR C 206 13.62 22.11 9.44
CA TYR C 206 13.64 21.24 8.26
C TYR C 206 12.46 21.44 7.35
N LEU C 207 12.63 21.15 6.10
CA LEU C 207 11.56 21.11 5.10
C LEU C 207 11.24 19.60 4.87
N LEU C 208 10.02 19.22 4.71
CA LEU C 208 9.62 17.91 4.23
C LEU C 208 9.39 18.05 2.72
N SER C 209 9.71 17.09 1.91
CA SER C 209 9.42 17.31 0.44
C SER C 209 8.60 16.18 -0.10
N PHE C 210 7.58 16.42 -0.95
CA PHE C 210 6.77 15.32 -1.49
C PHE C 210 6.91 15.22 -3.00
N ILE C 211 6.54 14.11 -3.63
CA ILE C 211 6.43 14.00 -5.09
C ILE C 211 5.15 13.19 -5.45
N SER C 212 4.46 13.63 -6.43
CA SER C 212 3.29 13.02 -7.07
C SER C 212 3.23 13.43 -8.54
N ALA C 213 2.49 12.75 -9.36
CA ALA C 213 2.40 13.03 -10.79
C ALA C 213 1.24 13.91 -11.14
N CYS C 214 1.34 14.78 -12.09
CA CYS C 214 0.19 15.61 -12.56
C CYS C 214 -0.75 14.72 -13.34
N PRO C 215 -1.93 15.24 -13.66
CA PRO C 215 -2.96 14.46 -14.34
C PRO C 215 -2.60 14.25 -15.79
N ASP C 216 -1.63 14.76 -16.35
CA ASP C 216 -0.85 14.90 -17.50
C ASP C 216 -0.15 13.64 -17.88
N PHE C 217 0.27 12.92 -16.85
CA PHE C 217 1.14 11.76 -16.81
C PHE C 217 0.75 10.57 -17.61
N LYS C 218 1.62 9.88 -18.25
CA LYS C 218 1.39 8.64 -18.98
C LYS C 218 2.51 7.68 -18.64
N LEU C 219 2.26 6.44 -18.51
CA LEU C 219 3.21 5.35 -18.19
C LEU C 219 2.82 4.24 -19.21
N ARG C 220 3.70 3.56 -19.79
CA ARG C 220 3.37 2.49 -20.72
C ARG C 220 4.45 1.45 -20.82
N LEU C 221 4.10 0.28 -21.39
CA LEU C 221 4.89 -0.88 -21.60
C LEU C 221 5.40 -1.50 -20.27
N MET C 222 4.49 -2.26 -19.72
CA MET C 222 4.75 -2.89 -18.40
C MET C 222 5.90 -3.88 -18.48
N LYS C 223 6.61 -3.94 -17.41
CA LYS C 223 7.74 -4.84 -17.21
C LYS C 223 7.94 -5.08 -15.70
N ASP C 224 8.94 -5.86 -15.42
CA ASP C 224 9.28 -6.33 -14.08
C ASP C 224 10.15 -5.34 -13.34
N THR C 225 9.99 -5.23 -12.03
CA THR C 225 10.67 -4.18 -11.25
C THR C 225 11.99 -4.74 -10.74
N GLN C 226 12.99 -3.88 -10.76
CA GLN C 226 14.28 -4.23 -10.18
C GLN C 226 14.12 -4.14 -8.67
N THR C 227 13.02 -3.66 -8.17
CA THR C 227 12.91 -3.51 -6.74
C THR C 227 12.56 -4.69 -5.95
N ILE C 228 12.56 -5.88 -6.42
CA ILE C 228 12.23 -7.09 -5.64
C ILE C 228 12.70 -8.36 -6.28
N SER C 229 13.30 -9.22 -5.47
CA SER C 229 13.87 -10.48 -6.07
C SER C 229 13.91 -11.56 -5.00
N GLN C 230 14.44 -12.71 -5.32
CA GLN C 230 14.38 -13.77 -4.28
C GLN C 230 15.31 -14.85 -4.70
N THR C 231 15.74 -15.69 -3.74
CA THR C 231 16.62 -16.80 -4.11
C THR C 231 15.95 -18.11 -3.88
N VAL C 232 15.08 -18.29 -2.96
CA VAL C 232 14.38 -19.67 -2.97
C VAL C 232 12.93 -19.41 -2.74
N ALA C 233 12.08 -20.38 -3.13
CA ALA C 233 10.62 -20.04 -2.93
C ALA C 233 10.37 -19.90 -1.44
N LEU C 234 9.50 -19.01 -1.05
CA LEU C 234 9.14 -18.93 0.40
C LEU C 234 8.22 -20.10 0.71
N THR C 235 8.10 -20.38 1.99
CA THR C 235 7.13 -21.39 2.50
C THR C 235 6.40 -20.84 3.72
N GLU C 236 5.46 -21.64 4.24
CA GLU C 236 4.63 -21.12 5.38
C GLU C 236 5.44 -21.31 6.66
N ILE D 29 -18.03 -14.07 -28.68
CA ILE D 29 -18.75 -15.34 -28.40
C ILE D 29 -18.29 -16.18 -27.23
N ASN D 30 -19.10 -16.34 -26.20
CA ASN D 30 -18.56 -17.18 -25.08
C ASN D 30 -18.78 -18.61 -25.48
N TYR D 31 -17.81 -19.49 -25.42
CA TYR D 31 -18.08 -20.92 -25.72
C TYR D 31 -18.48 -21.74 -24.51
N TYR D 32 -18.31 -21.12 -23.38
CA TYR D 32 -18.49 -21.78 -22.08
C TYR D 32 -19.59 -21.14 -21.27
N LYS D 33 -20.15 -21.97 -20.38
CA LYS D 33 -21.31 -21.60 -19.62
C LYS D 33 -21.10 -20.72 -18.44
N ASP D 34 -19.99 -20.84 -17.75
CA ASP D 34 -19.73 -20.14 -16.51
C ASP D 34 -19.08 -18.82 -16.71
N ALA D 35 -19.29 -17.82 -15.83
CA ALA D 35 -18.69 -16.50 -16.10
C ALA D 35 -17.20 -16.49 -15.85
N ALA D 36 -16.70 -17.42 -15.09
CA ALA D 36 -15.27 -17.32 -14.72
C ALA D 36 -14.51 -17.69 -15.96
N SER D 37 -15.29 -18.17 -16.92
CA SER D 37 -14.41 -18.79 -18.00
C SER D 37 -14.18 -17.83 -19.07
N THR D 38 -14.75 -16.65 -18.96
CA THR D 38 -14.60 -15.60 -20.01
C THR D 38 -13.27 -14.90 -19.89
N SER D 39 -12.92 -14.18 -20.94
CA SER D 39 -11.56 -13.57 -20.96
C SER D 39 -11.62 -12.31 -20.09
N SER D 40 -10.46 -11.68 -20.11
CA SER D 40 -10.17 -10.53 -19.20
C SER D 40 -11.25 -9.48 -19.37
N ALA D 41 -11.41 -8.66 -18.33
CA ALA D 41 -12.45 -7.69 -18.32
C ALA D 41 -12.43 -6.48 -19.15
N GLY D 42 -11.57 -5.79 -19.81
CA GLY D 42 -12.19 -4.43 -20.44
C GLY D 42 -11.92 -3.33 -19.42
N GLN D 43 -11.58 -2.10 -19.96
CA GLN D 43 -11.00 -1.04 -19.08
C GLN D 43 -12.05 -0.18 -18.38
N SER D 44 -11.83 -0.29 -17.03
CA SER D 44 -12.66 0.38 -16.07
C SER D 44 -13.14 1.71 -16.70
N LEU D 45 -11.99 2.27 -17.16
CA LEU D 45 -12.32 3.68 -17.72
C LEU D 45 -13.20 4.35 -16.64
N SER D 46 -12.75 3.97 -15.30
CA SER D 46 -13.51 4.67 -14.23
C SER D 46 -12.69 5.86 -13.79
N MET D 47 -11.62 5.67 -13.05
CA MET D 47 -10.70 6.76 -12.74
C MET D 47 -11.18 7.97 -12.00
N ASP D 48 -11.03 7.99 -10.69
CA ASP D 48 -11.38 9.09 -9.84
C ASP D 48 -10.49 9.14 -8.60
N PRO D 49 -9.43 9.87 -8.75
CA PRO D 49 -8.42 9.91 -7.70
C PRO D 49 -8.92 10.67 -6.52
N SER D 50 -9.95 11.36 -6.53
CA SER D 50 -10.29 12.20 -5.37
C SER D 50 -10.49 11.36 -4.15
N LYS D 51 -10.89 10.15 -4.14
CA LYS D 51 -11.01 9.48 -2.81
C LYS D 51 -9.66 9.39 -2.11
N PHE D 52 -8.59 9.35 -2.86
CA PHE D 52 -7.21 9.26 -2.41
C PHE D 52 -6.57 10.63 -2.34
N THR D 53 -6.76 11.51 -3.27
CA THR D 53 -6.03 12.80 -3.25
C THR D 53 -6.70 13.92 -2.52
N GLU D 54 -7.96 13.91 -2.27
CA GLU D 54 -8.69 14.94 -1.60
C GLU D 54 -9.79 14.40 -0.72
N PRO D 55 -9.43 13.57 0.25
CA PRO D 55 -10.46 13.07 1.17
C PRO D 55 -10.71 14.08 2.24
N VAL D 56 -10.73 15.40 2.00
CA VAL D 56 -10.98 16.34 3.11
C VAL D 56 -12.46 16.56 3.32
N LYS D 57 -12.88 16.87 4.51
CA LYS D 57 -14.27 17.01 4.87
C LYS D 57 -14.77 18.31 4.28
N ASP D 58 -14.21 19.44 4.45
CA ASP D 58 -14.64 20.68 3.83
C ASP D 58 -13.71 20.87 2.59
N LEU D 59 -14.38 21.00 1.49
CA LEU D 59 -13.90 21.16 0.16
C LEU D 59 -12.86 22.29 0.04
N MET D 60 -11.81 21.97 -0.64
CA MET D 60 -10.73 22.96 -0.79
C MET D 60 -10.73 23.45 -2.21
N LEU D 61 -10.83 24.77 -2.47
CA LEU D 61 -10.69 25.23 -3.87
C LEU D 61 -9.35 25.72 -4.26
N LYS D 62 -8.82 25.20 -5.32
CA LYS D 62 -7.39 25.61 -5.70
C LYS D 62 -7.27 27.07 -5.89
N GLY D 63 -6.45 27.83 -5.16
CA GLY D 63 -6.45 29.31 -5.56
C GLY D 63 -7.01 30.04 -4.38
N ALA D 64 -7.97 29.45 -3.75
CA ALA D 64 -8.42 30.03 -2.45
C ALA D 64 -7.37 29.59 -1.43
N PRO D 65 -7.21 30.35 -0.38
CA PRO D 65 -6.31 30.03 0.72
C PRO D 65 -6.62 28.64 1.30
N ALA D 66 -5.61 27.90 1.61
CA ALA D 66 -5.74 26.60 2.26
C ALA D 66 -6.38 26.72 3.62
N LEU D 67 -5.84 27.62 4.43
CA LEU D 67 -6.40 27.76 5.81
C LEU D 67 -6.84 29.23 5.91
N ASN D 68 -8.05 29.40 6.22
CA ASN D 68 -8.82 30.63 6.34
C ASN D 68 -8.91 30.91 7.86
O1 W35 E . -6.08 -17.83 -2.53
N2 W35 E . -5.96 -16.51 -2.01
C3 W35 E . -5.45 -15.80 -2.95
C31 W35 E . -5.19 -14.34 -2.73
C4 W35 E . -5.21 -16.57 -4.10
C5 W35 E . -5.61 -17.81 -3.80
C1C W35 E . -5.84 -18.95 -4.74
C2C W35 E . -7.27 -19.17 -5.17
C3C W35 E . -7.67 -20.15 -6.26
C4C W35 E . -8.80 -21.08 -5.91
C5C W35 E . -8.37 -22.54 -5.79
O1B W35 E . -7.45 -22.83 -6.87
C1B W35 E . -7.63 -23.95 -7.67
C2B W35 E . -8.87 -24.53 -7.95
C3B W35 E . -8.93 -25.65 -8.76
C4B W35 E . -7.78 -26.21 -9.30
C5B W35 E . -6.54 -25.62 -9.01
C6B W35 E . -6.47 -24.51 -8.20
C2A W35 E . -7.83 -27.39 -10.16
N3A W35 E . -8.99 -28.17 -10.45
C4A W35 E . -8.73 -29.21 -11.29
C5A W35 E . -7.24 -28.99 -11.48
O1A W35 E . -6.81 -27.88 -10.77
#